data_1UCY
#
_entry.id   1UCY
#
_cell.length_a   82.470
_cell.length_b   88.780
_cell.length_c   98.550
_cell.angle_alpha   90.00
_cell.angle_beta   106.21
_cell.angle_gamma   90.00
#
_symmetry.space_group_name_H-M   'P 1 21 1'
#
loop_
_entity.id
_entity.type
_entity.pdbx_description
1 polymer THROMBIN
2 polymer THROMBIN
3 polymer THROMBIN
4 polymer 'FIBRINOPEPTIDE A-ALPHA'
5 polymer THROMBIN
6 water water
#
loop_
_entity_poly.entity_id
_entity_poly.type
_entity_poly.pdbx_seq_one_letter_code
_entity_poly.pdbx_strand_id
1 'polypeptide(L)' TSEDHFQPFFNEKTFGAGEADCGLRPLFEKKQVQDQTEKELFESYIEGR L,J,M
2 'polypeptide(L)'
;IVEGQDAEVGLSPWQVMLFRKSPQELLCGASLISDRWVLTAAHCLLYPPWDKNFTVDDLLVRIGKHSRTRYERKVEKISM
LDKIYIHPRYNWKENLDRDIALLKLKRPIELSDYIHPVCLPDKQTAAKLLHAGFKGRVTGWGNRRETWTT
;
H
3 'polypeptide(L)'
;SVAEVQPSVLQVVNLPLVERPVCKASTRIRITDNMFCAGYKPGEGKRGDACEGDSGGPFVMKSPYNNRWYQMGIVSWGEG
CDRDGKYGFYTHVFRLKKWIQKVIDRLGS
;
E
4 'polypeptide(L)' (ACE)DFLAEGGGV(OPR)PR F,G,I
5 'polypeptide(L)'
;IVEGQDAEVGLSPWQVMLFRKSPQELLCGASLISDRWVLTAAHCLLYPPWDKNFTVDDLLVRIGKHSRTRYERKVEKISM
LDKIYIHPRYNWKENLDRDIALLKLKRPIELSDYIHPVCLPDKQTAAKLLHAGFKGRVTGWGNRRETWTTSVAEVQPSVL
QVVNLPLVERPVCKASTRIRITDNMFCAGYKPGEGKRGDACEGDSGGPFVMKSPYNNRWYQMGIVSWGEGCDRDGKYGFY
THVFRLKKWIQKVIDRLGS
;
K,N
#
loop_
_chem_comp.id
_chem_comp.type
_chem_comp.name
_chem_comp.formula
ACE non-polymer 'ACETYL GROUP' 'C2 H4 O'
OPR peptide-like '(5S)-5-amino-8-carbamimidamido-4-oxooctanoic acid' 'C9 H18 N4 O3'
#
# COMPACT_ATOMS: atom_id res chain seq x y z
N THR A 14 10.16 43.99 2.54
CA THR A 14 10.57 42.60 2.22
C THR A 14 11.89 42.32 2.93
N PHE A 15 12.92 43.02 2.50
CA PHE A 15 14.28 42.90 2.99
C PHE A 15 14.45 42.89 4.52
N GLY A 16 14.51 41.68 5.09
CA GLY A 16 14.68 41.51 6.52
C GLY A 16 13.46 41.90 7.33
N ALA A 17 13.41 43.18 7.71
CA ALA A 17 12.32 43.70 8.53
C ALA A 17 11.25 44.43 7.74
N GLY A 18 10.01 44.00 7.93
CA GLY A 18 8.90 44.66 7.28
C GLY A 18 8.46 45.77 8.22
N GLU A 19 8.41 45.44 9.51
CA GLU A 19 8.00 46.39 10.54
C GLU A 19 9.18 47.02 11.28
N ALA A 20 10.36 46.46 11.10
CA ALA A 20 11.56 46.98 11.76
C ALA A 20 11.59 46.57 13.23
N ASP A 21 10.45 46.18 13.74
CA ASP A 21 10.31 45.77 15.11
C ASP A 21 9.98 44.29 15.14
N CYS A 22 9.45 43.78 14.03
CA CYS A 22 9.00 42.39 13.89
C CYS A 22 10.03 41.34 14.23
N GLY A 23 9.55 40.24 14.80
CA GLY A 23 10.41 39.13 15.14
C GLY A 23 11.38 39.40 16.25
N LEU A 24 11.28 40.58 16.85
CA LEU A 24 12.11 40.98 17.97
C LEU A 24 11.19 40.98 19.18
N ARG A 25 11.24 39.87 19.91
CA ARG A 25 10.42 39.67 21.08
C ARG A 25 10.79 40.57 22.26
N PRO A 26 9.82 41.35 22.74
CA PRO A 26 9.99 42.28 23.87
C PRO A 26 10.67 41.62 25.07
N LEU A 27 10.26 40.39 25.38
CA LEU A 27 10.81 39.65 26.51
C LEU A 27 12.12 38.91 26.29
N PHE A 28 12.58 38.84 25.04
CA PHE A 28 13.82 38.12 24.74
C PHE A 28 14.82 38.96 23.96
N GLU A 29 14.76 38.98 22.62
CA GLU A 29 15.70 39.75 21.80
C GLU A 29 15.85 41.23 22.22
N LYS A 30 14.76 41.82 22.70
CA LYS A 30 14.75 43.21 23.12
C LYS A 30 15.34 43.39 24.51
N LYS A 31 15.37 42.31 25.27
CA LYS A 31 15.90 42.31 26.63
C LYS A 31 17.22 41.52 26.66
N GLN A 32 17.75 41.17 25.49
CA GLN A 32 18.96 40.36 25.38
C GLN A 32 18.88 39.10 26.23
N VAL A 33 17.71 38.49 26.25
CA VAL A 33 17.46 37.25 26.98
C VAL A 33 17.14 36.17 25.95
N GLN A 34 17.64 34.96 26.15
CA GLN A 34 17.40 33.85 25.23
C GLN A 34 16.42 32.87 25.81
N ASP A 35 15.60 32.26 24.97
CA ASP A 35 14.66 31.28 25.50
C ASP A 35 15.32 29.90 25.67
N GLN A 36 14.74 29.06 26.50
CA GLN A 36 15.30 27.76 26.80
C GLN A 36 15.81 26.87 25.67
N THR A 37 15.15 26.85 24.52
CA THR A 37 15.57 25.92 23.45
C THR A 37 16.00 26.56 22.14
N GLU A 38 16.15 27.87 22.18
CA GLU A 38 16.55 28.69 21.05
C GLU A 38 17.92 28.17 20.54
N LYS A 39 18.67 27.59 21.47
CA LYS A 39 19.99 27.04 21.19
C LYS A 39 19.95 25.83 20.22
N GLU A 40 18.86 25.08 20.26
CA GLU A 40 18.66 23.92 19.42
C GLU A 40 18.64 24.40 17.98
N LEU A 41 18.01 25.55 17.77
CA LEU A 41 17.91 26.13 16.43
C LEU A 41 19.24 26.63 15.89
N PHE A 42 19.97 27.34 16.75
CA PHE A 42 21.26 27.91 16.38
C PHE A 42 22.28 26.82 16.03
N GLU A 43 22.29 25.79 16.88
CA GLU A 43 23.15 24.64 16.70
C GLU A 43 22.96 23.96 15.36
N SER A 44 21.73 23.82 14.90
CA SER A 44 21.50 23.18 13.60
C SER A 44 21.98 24.06 12.45
N TYR A 45 22.46 25.26 12.79
CA TYR A 45 22.91 26.24 11.80
C TYR A 45 24.29 26.22 11.17
N ILE A 46 25.23 26.93 11.78
CA ILE A 46 26.59 27.09 11.22
C ILE A 46 26.52 27.53 9.75
N GLU A 47 26.61 26.56 8.84
CA GLU A 47 26.59 26.77 7.39
C GLU A 47 26.40 25.36 6.83
N GLY A 48 25.90 24.46 7.67
CA GLY A 48 25.72 23.06 7.32
C GLY A 48 24.72 22.69 6.24
N ARG A 49 24.16 23.67 5.55
CA ARG A 49 23.20 23.39 4.50
C ARG A 49 22.73 24.68 3.82
N ILE B 1 0.42 19.60 19.77
CA ILE B 1 1.85 19.41 19.43
C ILE B 1 2.25 18.13 20.15
N VAL B 2 3.03 17.30 19.47
CA VAL B 2 3.50 16.01 19.97
C VAL B 2 4.99 16.11 20.29
N GLU B 3 5.36 15.76 21.51
CA GLU B 3 6.75 15.78 21.97
C GLU B 3 7.28 17.18 22.18
N GLY B 4 6.37 18.08 22.54
CA GLY B 4 6.76 19.44 22.79
C GLY B 4 6.82 19.66 24.27
N GLN B 5 7.05 20.89 24.68
CA GLN B 5 7.10 21.22 26.09
C GLN B 5 6.32 22.50 26.29
N ASP B 6 6.04 22.81 27.56
CA ASP B 6 5.33 24.03 27.93
C ASP B 6 6.19 25.20 27.51
N ALA B 7 5.58 26.16 26.86
CA ALA B 7 6.31 27.32 26.42
C ALA B 7 6.53 28.33 27.56
N GLU B 8 7.67 29.01 27.56
CA GLU B 8 7.92 30.06 28.53
C GLU B 8 6.86 31.12 28.18
N VAL B 9 6.42 31.92 29.15
CA VAL B 9 5.42 32.93 28.80
C VAL B 9 6.07 33.97 27.89
N GLY B 10 5.30 34.50 26.93
CA GLY B 10 5.83 35.50 26.01
C GLY B 10 6.78 34.98 24.94
N LEU B 11 6.97 33.66 24.91
CA LEU B 11 7.83 32.97 23.96
C LEU B 11 7.50 33.19 22.50
N SER B 12 6.21 33.25 22.21
CA SER B 12 5.70 33.36 20.85
C SER B 12 4.63 34.45 20.87
N PRO B 13 5.05 35.73 20.97
CA PRO B 13 4.14 36.88 21.03
C PRO B 13 3.23 37.06 19.81
N TRP B 14 3.54 36.33 18.75
CA TRP B 14 2.77 36.38 17.53
C TRP B 14 1.67 35.31 17.48
N GLN B 15 1.65 34.43 18.47
CA GLN B 15 0.67 33.35 18.53
C GLN B 15 -0.77 33.83 18.75
N VAL B 16 -1.64 33.53 17.80
CA VAL B 16 -3.03 33.92 17.87
C VAL B 16 -3.93 32.69 18.03
N MET B 17 -5.02 32.85 18.74
CA MET B 17 -5.94 31.76 18.89
C MET B 17 -7.25 32.06 18.15
N LEU B 18 -7.56 31.22 17.16
CA LEU B 18 -8.78 31.35 16.40
C LEU B 18 -9.83 30.63 17.22
N PHE B 19 -10.87 31.32 17.62
CA PHE B 19 -11.91 30.75 18.47
C PHE B 19 -13.28 31.05 17.86
N ARG B 20 -14.26 30.20 18.16
CA ARG B 20 -15.63 30.34 17.65
C ARG B 20 -16.60 30.96 18.66
N LYS B 21 -17.43 31.90 18.23
CA LYS B 21 -18.37 32.54 19.15
C LYS B 21 -19.34 31.50 19.70
N SER B 22 -19.99 30.75 18.81
CA SER B 22 -20.96 29.73 19.22
C SER B 22 -21.12 28.51 18.31
N PRO B 23 -20.97 27.30 18.89
CA PRO B 23 -20.61 27.10 20.30
C PRO B 23 -19.15 27.50 20.52
N GLN B 24 -18.77 27.82 21.76
CA GLN B 24 -17.39 28.26 22.06
C GLN B 24 -16.36 27.16 21.99
N GLU B 25 -15.32 27.36 21.18
CA GLU B 25 -14.28 26.36 21.06
C GLU B 25 -13.08 26.82 20.24
N LEU B 26 -11.95 26.17 20.51
CA LEU B 26 -10.68 26.41 19.84
C LEU B 26 -10.85 25.88 18.41
N LEU B 27 -10.62 26.73 17.42
CA LEU B 27 -10.72 26.31 16.02
C LEU B 27 -9.36 26.06 15.39
N CYS B 28 -8.40 26.93 15.64
CA CYS B 28 -7.07 26.79 15.07
C CYS B 28 -6.07 27.77 15.66
N GLY B 29 -4.86 27.69 15.12
CA GLY B 29 -3.79 28.60 15.50
C GLY B 29 -3.66 29.63 14.38
N ALA B 30 -2.87 30.66 14.62
CA ALA B 30 -2.69 31.70 13.63
C ALA B 30 -1.54 32.57 14.08
N SER B 31 -1.10 33.46 13.21
CA SER B 31 0.00 34.34 13.60
C SER B 31 -0.32 35.80 13.27
N LEU B 32 0.00 36.68 14.22
CA LEU B 32 -0.17 38.11 14.06
C LEU B 32 1.05 38.54 13.24
N ILE B 33 0.83 39.04 12.05
CA ILE B 33 1.93 39.50 11.20
C ILE B 33 2.00 41.02 11.15
N SER B 34 1.19 41.66 11.98
CA SER B 34 1.11 43.13 12.12
C SER B 34 -0.03 43.39 13.08
N ASP B 35 -0.28 44.65 13.41
CA ASP B 35 -1.32 44.99 14.36
C ASP B 35 -2.74 44.87 13.82
N ARG B 36 -2.88 44.59 12.54
CA ARG B 36 -4.20 44.45 11.96
C ARG B 36 -4.40 43.18 11.17
N TRP B 37 -3.32 42.54 10.74
CA TRP B 37 -3.41 41.33 9.93
C TRP B 37 -2.96 40.04 10.60
N VAL B 38 -3.80 39.01 10.50
CA VAL B 38 -3.54 37.71 11.07
C VAL B 38 -3.48 36.68 9.93
N LEU B 39 -2.50 35.80 10.01
CA LEU B 39 -2.27 34.77 8.99
C LEU B 39 -2.70 33.43 9.55
N THR B 40 -3.33 32.59 8.73
CA THR B 40 -3.76 31.25 9.17
C THR B 40 -3.96 30.38 7.94
N ALA B 41 -4.37 29.13 8.15
CA ALA B 41 -4.65 28.15 7.07
C ALA B 41 -6.06 28.35 6.50
N ALA B 42 -6.21 28.24 5.19
CA ALA B 42 -7.52 28.38 4.55
C ALA B 42 -8.46 27.28 5.05
N HIS B 43 -7.92 26.10 5.37
CA HIS B 43 -8.80 25.04 5.84
C HIS B 43 -9.36 25.29 7.24
N CYS B 44 -8.77 26.22 7.97
CA CYS B 44 -9.29 26.52 9.29
C CYS B 44 -10.66 27.17 9.19
N LEU B 45 -10.95 27.75 8.04
CA LEU B 45 -12.20 28.47 7.80
C LEU B 45 -13.05 27.79 6.74
N LEU B 46 -12.39 27.23 5.74
CA LEU B 46 -13.09 26.64 4.63
C LEU B 46 -12.60 25.25 4.32
N TYR B 47 -13.44 24.27 4.61
CA TYR B 47 -13.11 22.89 4.33
C TYR B 47 -14.40 22.12 4.10
N PRO B 48 -14.98 22.24 2.90
CA PRO B 48 -16.24 21.57 2.54
C PRO B 48 -16.34 20.08 2.93
N PRO B 49 -15.23 19.33 2.84
CA PRO B 49 -15.30 17.93 3.21
C PRO B 49 -15.85 17.71 4.63
N TRP B 50 -15.63 18.66 5.51
CA TRP B 50 -16.10 18.54 6.88
C TRP B 50 -17.23 19.51 7.13
N ASP B 51 -17.81 20.02 6.05
CA ASP B 51 -18.90 20.98 6.09
C ASP B 51 -18.54 22.24 6.88
N LYS B 52 -17.36 22.77 6.57
CA LYS B 52 -16.83 23.92 7.26
C LYS B 52 -16.70 25.17 6.37
N ASN B 53 -17.45 26.21 6.72
CA ASN B 53 -17.41 27.47 5.99
C ASN B 53 -17.70 28.61 6.96
N PHE B 54 -16.74 28.94 7.82
CA PHE B 54 -16.93 30.04 8.78
C PHE B 54 -16.81 31.39 8.11
N THR B 55 -17.71 32.29 8.48
CA THR B 55 -17.68 33.64 7.93
C THR B 55 -17.14 34.51 9.05
N VAL B 56 -17.14 35.81 8.82
CA VAL B 56 -16.62 36.74 9.77
C VAL B 56 -17.30 36.80 11.14
N ASP B 57 -18.60 36.58 11.20
CA ASP B 57 -19.28 36.66 12.49
C ASP B 57 -19.29 35.40 13.33
N ASP B 58 -18.55 34.37 12.92
CA ASP B 58 -18.50 33.14 13.70
C ASP B 58 -17.24 33.08 14.55
N LEU B 59 -16.24 33.86 14.18
CA LEU B 59 -14.95 33.80 14.84
C LEU B 59 -14.48 35.01 15.62
N LEU B 60 -13.72 34.72 16.65
CA LEU B 60 -13.09 35.70 17.51
C LEU B 60 -11.61 35.35 17.37
N VAL B 61 -10.76 36.31 17.68
CA VAL B 61 -9.35 36.05 17.60
C VAL B 61 -8.82 36.46 18.98
N ARG B 62 -8.13 35.55 19.64
CA ARG B 62 -7.62 35.81 20.96
C ARG B 62 -6.10 35.87 20.88
N ILE B 63 -5.54 37.05 21.15
CA ILE B 63 -4.11 37.28 21.09
C ILE B 63 -3.53 37.46 22.50
N GLY B 64 -2.26 37.13 22.65
CA GLY B 64 -1.57 37.27 23.91
C GLY B 64 -1.79 36.16 24.88
N LYS B 65 -2.31 35.03 24.42
CA LYS B 65 -2.57 33.94 25.34
C LYS B 65 -1.47 32.95 25.63
N HIS B 66 -1.56 32.34 26.79
CA HIS B 66 -0.61 31.32 27.15
C HIS B 66 -1.39 30.05 27.44
N SER B 67 -2.34 30.14 28.38
CA SER B 67 -3.20 29.03 28.75
C SER B 67 -4.24 28.81 27.67
N ARG B 68 -4.55 27.55 27.39
CA ARG B 68 -5.54 27.19 26.38
C ARG B 68 -6.95 27.44 26.89
N THR B 69 -7.14 27.05 28.14
CA THR B 69 -8.43 27.11 28.80
C THR B 69 -8.95 28.42 29.40
N ARG B 70 -8.26 28.98 30.38
CA ARG B 70 -8.75 30.18 31.05
C ARG B 70 -8.66 31.50 30.31
N TYR B 71 -9.45 32.46 30.78
CA TYR B 71 -9.50 33.81 30.23
C TYR B 71 -8.43 34.56 30.98
N GLU B 72 -7.39 34.94 30.26
CA GLU B 72 -6.29 35.64 30.87
C GLU B 72 -6.42 37.14 30.90
N ARG B 73 -7.03 37.59 31.99
CA ARG B 73 -7.31 38.98 32.31
C ARG B 73 -6.34 40.04 31.79
N LYS B 74 -5.25 40.24 32.52
CA LYS B 74 -4.27 41.27 32.17
C LYS B 74 -3.69 41.25 30.75
N VAL B 75 -3.23 40.08 30.32
CA VAL B 75 -2.57 39.90 29.02
C VAL B 75 -3.38 39.70 27.73
N GLU B 76 -4.44 38.92 27.81
CA GLU B 76 -5.25 38.61 26.65
C GLU B 76 -6.07 39.72 26.01
N LYS B 77 -6.04 39.75 24.68
CA LYS B 77 -6.81 40.69 23.87
C LYS B 77 -7.67 39.88 22.91
N ILE B 78 -8.97 39.95 23.08
CA ILE B 78 -9.92 39.26 22.22
C ILE B 78 -10.28 40.29 21.15
N SER B 79 -10.47 39.85 19.92
CA SER B 79 -10.79 40.76 18.84
C SER B 79 -11.77 40.11 17.85
N MET B 80 -12.35 40.92 16.99
CA MET B 80 -13.30 40.48 15.98
C MET B 80 -12.72 40.77 14.62
N LEU B 81 -13.20 40.08 13.60
CA LEU B 81 -12.68 40.26 12.26
C LEU B 81 -13.50 41.18 11.34
N ASP B 82 -12.79 42.01 10.62
CA ASP B 82 -13.41 42.91 9.70
C ASP B 82 -13.63 42.13 8.40
N LYS B 83 -12.54 41.62 7.86
CA LYS B 83 -12.58 40.87 6.60
C LYS B 83 -11.91 39.48 6.68
N ILE B 84 -12.14 38.65 5.67
CA ILE B 84 -11.56 37.31 5.55
C ILE B 84 -11.13 37.12 4.10
N TYR B 85 -9.90 36.66 3.90
CA TYR B 85 -9.39 36.43 2.57
C TYR B 85 -8.78 35.05 2.40
N ILE B 86 -9.43 34.23 1.59
CA ILE B 86 -8.96 32.88 1.32
C ILE B 86 -8.32 32.92 -0.06
N HIS B 87 -7.14 32.31 -0.18
CA HIS B 87 -6.44 32.31 -1.45
C HIS B 87 -7.35 31.71 -2.51
N PRO B 88 -7.55 32.42 -3.63
CA PRO B 88 -8.39 32.03 -4.77
C PRO B 88 -8.07 30.69 -5.44
N ARG B 89 -6.83 30.24 -5.33
CA ARG B 89 -6.42 28.97 -5.90
C ARG B 89 -6.26 27.85 -4.83
N TYR B 90 -6.87 28.05 -3.67
CA TYR B 90 -6.83 27.08 -2.57
C TYR B 90 -7.50 25.79 -3.07
N ASN B 91 -6.80 24.67 -2.91
CA ASN B 91 -7.30 23.38 -3.38
C ASN B 91 -7.50 22.41 -2.24
N TRP B 92 -8.72 22.33 -1.71
CA TRP B 92 -9.00 21.40 -0.61
C TRP B 92 -9.22 19.97 -1.05
N LYS B 93 -9.72 19.78 -2.28
CA LYS B 93 -10.00 18.44 -2.79
C LYS B 93 -8.76 17.58 -2.98
N GLU B 94 -7.95 17.97 -3.95
CA GLU B 94 -6.76 17.23 -4.33
C GLU B 94 -5.54 17.17 -3.42
N ASN B 95 -5.06 18.30 -2.95
CA ASN B 95 -3.83 18.26 -2.16
C ASN B 95 -3.64 19.31 -1.10
N LEU B 96 -4.61 20.19 -0.93
CA LEU B 96 -4.52 21.27 0.06
C LEU B 96 -3.40 22.22 -0.34
N ASP B 97 -3.37 22.55 -1.62
CA ASP B 97 -2.38 23.47 -2.19
C ASP B 97 -2.87 24.88 -1.89
N ARG B 98 -1.95 25.82 -1.65
CA ARG B 98 -2.32 27.21 -1.37
C ARG B 98 -3.22 27.34 -0.15
N ASP B 99 -2.87 26.60 0.90
CA ASP B 99 -3.59 26.56 2.16
C ASP B 99 -3.19 27.80 2.98
N ILE B 100 -3.66 28.97 2.55
CA ILE B 100 -3.34 30.22 3.21
C ILE B 100 -4.54 31.18 3.20
N ALA B 101 -4.77 31.85 4.32
CA ALA B 101 -5.84 32.83 4.45
C ALA B 101 -5.41 33.93 5.40
N LEU B 102 -5.92 35.13 5.16
CA LEU B 102 -5.60 36.32 5.96
C LEU B 102 -6.84 36.87 6.66
N LEU B 103 -6.72 37.17 7.95
CA LEU B 103 -7.81 37.72 8.74
C LEU B 103 -7.50 39.17 9.08
N LYS B 104 -8.39 40.06 8.65
CA LYS B 104 -8.25 41.49 8.88
C LYS B 104 -9.02 41.83 10.15
N LEU B 105 -8.37 42.39 11.17
CA LEU B 105 -9.04 42.73 12.43
C LEU B 105 -9.89 44.01 12.35
N LYS B 106 -10.99 44.02 13.12
CA LYS B 106 -11.90 45.17 13.16
C LYS B 106 -11.11 46.45 13.20
N ARG B 107 -10.13 46.49 14.09
CA ARG B 107 -9.25 47.62 14.27
C ARG B 107 -7.94 47.09 14.83
N PRO B 108 -6.84 47.82 14.59
CA PRO B 108 -5.51 47.43 15.05
C PRO B 108 -5.42 47.12 16.51
N ILE B 109 -4.77 46.01 16.82
CA ILE B 109 -4.55 45.54 18.17
C ILE B 109 -3.41 46.41 18.77
N GLU B 110 -3.25 46.35 20.08
CA GLU B 110 -2.24 47.10 20.78
C GLU B 110 -1.16 46.16 21.25
N LEU B 111 0.02 46.27 20.63
CA LEU B 111 1.17 45.43 20.94
C LEU B 111 1.56 45.52 22.42
N SER B 112 2.30 44.55 22.92
CA SER B 112 2.69 44.56 24.32
C SER B 112 3.83 43.58 24.49
N ASP B 113 4.17 43.24 25.74
CA ASP B 113 5.22 42.25 26.02
C ASP B 113 4.72 40.91 25.53
N TYR B 114 3.40 40.80 25.41
CA TYR B 114 2.76 39.56 25.01
C TYR B 114 2.15 39.55 23.63
N ILE B 115 2.16 40.69 22.96
CA ILE B 115 1.58 40.80 21.62
C ILE B 115 2.49 41.53 20.67
N HIS B 116 3.22 40.78 19.85
CA HIS B 116 4.17 41.36 18.90
C HIS B 116 4.16 40.55 17.60
N PRO B 117 4.14 41.23 16.44
CA PRO B 117 4.13 40.59 15.12
C PRO B 117 5.45 39.96 14.66
N VAL B 118 5.31 38.89 13.88
CA VAL B 118 6.44 38.14 13.33
C VAL B 118 6.82 38.71 11.97
N CYS B 119 8.03 38.45 11.52
CA CYS B 119 8.43 38.93 10.23
C CYS B 119 8.09 37.89 9.19
N LEU B 120 7.83 38.37 7.97
CA LEU B 120 7.56 37.51 6.82
C LEU B 120 8.92 37.44 6.11
N PRO B 121 9.30 36.24 5.63
CA PRO B 121 10.59 36.10 4.96
C PRO B 121 10.70 37.02 3.77
N ASP B 122 11.91 37.14 3.27
CA ASP B 122 12.20 37.94 2.09
C ASP B 122 13.18 37.07 1.34
N LYS B 123 13.31 37.28 0.04
CA LYS B 123 14.19 36.47 -0.81
C LYS B 123 15.50 35.96 -0.20
N GLN B 124 16.31 36.87 0.36
CA GLN B 124 17.59 36.55 0.97
C GLN B 124 17.51 35.63 2.16
N THR B 125 16.58 35.93 3.07
CA THR B 125 16.37 35.11 4.28
C THR B 125 15.85 33.73 3.90
N ALA B 126 14.97 33.69 2.91
CA ALA B 126 14.38 32.44 2.46
C ALA B 126 15.50 31.58 1.94
N ALA B 127 16.32 32.16 1.09
CA ALA B 127 17.46 31.46 0.49
C ALA B 127 18.54 30.99 1.49
N LYS B 128 18.74 31.74 2.56
CA LYS B 128 19.75 31.43 3.58
C LYS B 128 19.30 30.45 4.67
N LEU B 129 18.05 30.58 5.06
CA LEU B 129 17.48 29.78 6.13
C LEU B 129 16.82 28.50 5.72
N LEU B 130 16.27 28.47 4.52
CA LEU B 130 15.56 27.26 4.12
C LEU B 130 16.43 26.18 3.54
N HIS B 131 17.03 25.39 4.43
CA HIS B 131 17.89 24.30 4.01
C HIS B 131 17.58 23.08 4.84
N ALA B 132 17.52 21.93 4.18
CA ALA B 132 17.23 20.66 4.85
C ALA B 132 18.21 20.56 5.95
N GLY B 133 17.76 20.11 7.12
CA GLY B 133 18.67 20.00 8.22
C GLY B 133 18.47 21.10 9.21
N PHE B 134 18.19 22.31 8.71
CA PHE B 134 17.95 23.44 9.57
C PHE B 134 16.60 23.34 10.31
N LYS B 135 16.63 23.61 11.61
CA LYS B 135 15.43 23.57 12.42
C LYS B 135 14.60 24.86 12.51
N GLY B 136 13.29 24.67 12.62
CA GLY B 136 12.35 25.76 12.77
C GLY B 136 11.60 25.42 14.05
N ARG B 137 10.64 26.27 14.42
CA ARG B 137 9.85 26.09 15.64
C ARG B 137 8.32 26.18 15.47
N VAL B 138 7.62 25.18 16.02
CA VAL B 138 6.17 25.11 15.94
C VAL B 138 5.57 25.26 17.36
N THR B 139 4.43 25.95 17.45
CA THR B 139 3.77 26.17 18.74
C THR B 139 2.27 26.04 18.58
N GLY B 140 1.59 25.59 19.61
CA GLY B 140 0.14 25.43 19.54
C GLY B 140 -0.50 24.77 20.75
N TRP B 141 -1.83 24.82 20.80
CA TRP B 141 -2.58 24.20 21.88
C TRP B 141 -3.25 22.92 21.36
N GLY B 142 -2.69 22.38 20.28
CA GLY B 142 -3.20 21.18 19.67
C GLY B 142 -2.95 19.98 20.54
N ASN B 143 -3.47 18.84 20.09
CA ASN B 143 -3.36 17.60 20.83
C ASN B 143 -1.93 17.12 20.92
N ARG B 144 -1.65 16.40 22.01
CA ARG B 144 -0.34 15.86 22.29
C ARG B 144 -0.09 14.51 21.63
N ARG B 145 -1.16 13.81 21.29
CA ARG B 145 -1.00 12.52 20.65
C ARG B 145 -2.07 12.31 19.58
N GLU B 146 -1.85 11.28 18.75
CA GLU B 146 -2.81 10.89 17.72
C GLU B 146 -4.06 10.42 18.44
N THR B 147 -5.21 10.72 17.86
CA THR B 147 -6.46 10.37 18.52
C THR B 147 -7.19 9.03 18.34
N TRP B 148 -7.51 8.47 19.50
CA TRP B 148 -8.29 7.26 19.74
C TRP B 148 -9.00 7.71 21.03
N THR B 149 -8.69 8.95 21.41
CA THR B 149 -9.17 9.61 22.61
C THR B 149 -9.80 10.96 22.24
N THR B 150 -10.05 11.78 23.26
CA THR B 150 -10.64 13.09 23.10
C THR B 150 -9.54 14.15 22.89
N SER C 1 -8.57 24.30 34.30
CA SER C 1 -9.12 23.02 33.76
C SER C 1 -8.22 22.55 32.61
N VAL C 2 -8.10 21.23 32.49
CA VAL C 2 -7.30 20.56 31.46
C VAL C 2 -7.20 19.06 31.77
N ALA C 3 -6.73 18.28 30.81
CA ALA C 3 -6.60 16.84 30.99
C ALA C 3 -5.20 16.40 30.52
N GLU C 4 -5.18 15.44 29.60
CA GLU C 4 -3.97 14.89 29.03
C GLU C 4 -4.45 14.66 27.60
N VAL C 5 -3.61 15.04 26.63
CA VAL C 5 -3.87 14.97 25.18
C VAL C 5 -3.96 16.43 24.81
N GLN C 6 -5.01 17.09 25.26
CA GLN C 6 -5.14 18.50 25.01
C GLN C 6 -4.30 19.11 26.11
N PRO C 7 -3.26 19.89 25.73
CA PRO C 7 -2.38 20.53 26.72
C PRO C 7 -3.04 21.70 27.45
N SER C 8 -2.48 22.05 28.59
CA SER C 8 -3.00 23.13 29.40
C SER C 8 -2.45 24.49 28.98
N VAL C 9 -1.19 24.49 28.60
CA VAL C 9 -0.52 25.70 28.24
C VAL C 9 0.12 25.50 26.87
N LEU C 10 0.42 26.60 26.17
CA LEU C 10 1.02 26.51 24.84
C LEU C 10 2.23 25.57 24.81
N GLN C 11 2.37 24.84 23.71
CA GLN C 11 3.46 23.89 23.58
C GLN C 11 4.40 24.34 22.48
N VAL C 12 5.65 23.91 22.57
CA VAL C 12 6.66 24.24 21.56
C VAL C 12 7.40 22.99 21.15
N VAL C 13 7.96 23.00 19.94
CA VAL C 13 8.81 21.91 19.45
C VAL C 13 9.62 22.41 18.27
N ASN C 14 10.92 22.19 18.32
CA ASN C 14 11.79 22.62 17.23
C ASN C 14 11.95 21.41 16.29
N LEU C 15 11.72 21.63 15.01
CA LEU C 15 11.76 20.57 14.02
C LEU C 15 12.69 20.86 12.85
N PRO C 16 13.39 19.83 12.35
CA PRO C 16 14.30 20.08 11.23
C PRO C 16 13.56 20.07 9.88
N LEU C 17 14.05 20.89 8.95
CA LEU C 17 13.48 20.96 7.61
C LEU C 17 13.92 19.69 6.92
N VAL C 18 13.01 19.07 6.17
CA VAL C 18 13.34 17.86 5.44
C VAL C 18 13.40 18.23 3.97
N GLU C 19 14.33 17.59 3.24
CA GLU C 19 14.51 17.84 1.81
C GLU C 19 13.32 17.34 0.98
N ARG C 20 12.98 18.13 -0.04
CA ARG C 20 11.84 17.85 -0.91
C ARG C 20 11.65 16.41 -1.43
N PRO C 21 12.72 15.76 -1.92
CA PRO C 21 12.56 14.38 -2.41
C PRO C 21 12.01 13.43 -1.33
N VAL C 22 12.54 13.56 -0.12
CA VAL C 22 12.14 12.71 0.99
C VAL C 22 10.67 12.91 1.35
N CYS C 23 10.23 14.17 1.33
CA CYS C 23 8.83 14.53 1.61
C CYS C 23 7.89 13.87 0.57
N LYS C 24 8.28 13.98 -0.70
CA LYS C 24 7.53 13.42 -1.81
C LYS C 24 7.45 11.91 -1.70
N ALA C 25 8.59 11.28 -1.40
CA ALA C 25 8.63 9.85 -1.27
C ALA C 25 7.84 9.38 -0.06
N SER C 26 7.63 10.28 0.91
CA SER C 26 6.93 9.90 2.13
C SER C 26 5.42 9.82 2.01
N THR C 27 4.85 10.33 0.92
CA THR C 27 3.41 10.32 0.80
C THR C 27 2.93 10.00 -0.61
N ARG C 28 1.65 9.60 -0.70
CA ARG C 28 1.05 9.31 -1.99
C ARG C 28 0.39 10.56 -2.55
N ILE C 29 0.29 11.58 -1.71
CA ILE C 29 -0.30 12.85 -2.11
C ILE C 29 0.59 13.68 -3.05
N ARG C 30 -0.05 14.47 -3.91
CA ARG C 30 0.69 15.30 -4.85
C ARG C 30 1.16 16.59 -4.20
N ILE C 31 2.23 16.47 -3.43
CA ILE C 31 2.87 17.59 -2.76
C ILE C 31 3.13 18.68 -3.83
N THR C 32 3.33 19.91 -3.40
CA THR C 32 3.53 21.02 -4.32
C THR C 32 4.63 21.95 -3.80
N ASP C 33 5.18 22.81 -4.66
CA ASP C 33 6.20 23.76 -4.23
C ASP C 33 5.66 24.70 -3.16
N ASN C 34 4.35 24.85 -3.12
CA ASN C 34 3.67 25.70 -2.15
C ASN C 34 3.63 25.09 -0.75
N MET C 35 4.30 23.96 -0.56
CA MET C 35 4.31 23.33 0.75
C MET C 35 5.65 22.69 1.01
N PHE C 36 6.02 22.58 2.29
CA PHE C 36 7.27 21.92 2.65
C PHE C 36 6.98 20.99 3.83
N CYS C 37 7.87 20.05 4.10
CA CYS C 37 7.63 19.14 5.21
C CYS C 37 8.79 19.24 6.16
N ALA C 38 8.56 18.90 7.41
CA ALA C 38 9.61 19.00 8.41
C ALA C 38 9.35 17.85 9.37
N GLY C 39 10.35 17.54 10.19
CA GLY C 39 10.23 16.49 11.18
C GLY C 39 11.47 15.60 11.15
N TYR C 40 11.70 14.85 12.22
CA TYR C 40 12.84 13.94 12.29
C TYR C 40 12.55 12.68 11.49
N LYS C 41 13.60 12.15 10.87
CA LYS C 41 13.56 10.91 10.10
C LYS C 41 13.55 9.75 11.08
N PRO C 42 13.18 8.54 10.63
CA PRO C 42 13.17 7.41 11.55
C PRO C 42 14.58 7.11 12.05
N GLY C 43 15.59 7.40 11.24
CA GLY C 43 16.95 7.14 11.68
C GLY C 43 17.51 8.20 12.61
N GLU C 44 16.64 8.95 13.29
CA GLU C 44 17.10 10.03 14.16
C GLU C 44 16.80 9.95 15.64
N GLY C 45 15.95 9.02 16.05
CA GLY C 45 15.66 8.89 17.47
C GLY C 45 14.83 9.99 18.11
N LYS C 46 14.95 11.22 17.62
CA LYS C 46 14.16 12.33 18.14
C LYS C 46 12.74 12.32 17.56
N ARG C 47 11.76 12.60 18.41
CA ARG C 47 10.36 12.64 18.00
C ARG C 47 9.84 14.07 17.97
N GLY C 48 8.56 14.25 17.69
CA GLY C 48 8.00 15.57 17.67
C GLY C 48 7.28 15.91 16.39
N ASP C 49 6.07 16.43 16.53
CA ASP C 49 5.28 16.80 15.37
C ASP C 49 4.13 17.70 15.76
N ALA C 50 3.52 18.36 14.79
CA ALA C 50 2.35 19.16 15.07
C ALA C 50 1.20 18.14 15.06
N CYS C 51 0.07 18.45 15.67
CA CYS C 51 -1.05 17.52 15.68
C CYS C 51 -2.37 18.26 15.57
N GLU C 52 -3.49 17.54 15.62
CA GLU C 52 -4.78 18.20 15.49
C GLU C 52 -4.95 19.36 16.47
N GLY C 53 -5.36 20.51 15.93
CA GLY C 53 -5.56 21.70 16.73
C GLY C 53 -4.44 22.70 16.55
N ASP C 54 -3.30 22.26 16.02
CA ASP C 54 -2.16 23.14 15.81
C ASP C 54 -2.23 23.81 14.46
N SER C 55 -3.22 23.42 13.67
CA SER C 55 -3.43 23.94 12.34
C SER C 55 -3.46 25.46 12.29
N GLY C 56 -2.94 26.04 11.23
CA GLY C 56 -2.93 27.49 11.11
C GLY C 56 -1.79 28.16 11.84
N GLY C 57 -1.26 27.47 12.83
CA GLY C 57 -0.14 27.99 13.62
C GLY C 57 1.12 28.17 12.82
N PRO C 58 2.04 29.02 13.32
CA PRO C 58 3.31 29.30 12.64
C PRO C 58 4.48 28.34 12.84
N PHE C 59 5.27 28.20 11.78
CA PHE C 59 6.51 27.45 11.78
C PHE C 59 7.48 28.61 11.53
N VAL C 60 8.24 28.97 12.55
CA VAL C 60 9.19 30.10 12.46
C VAL C 60 10.65 29.70 12.55
N MET C 61 11.51 30.62 12.10
CA MET C 61 12.94 30.38 12.15
C MET C 61 13.59 31.65 12.64
N LYS C 62 14.58 31.50 13.51
CA LYS C 62 15.27 32.67 14.03
C LYS C 62 16.51 32.86 13.18
N SER C 63 16.63 34.05 12.57
CA SER C 63 17.76 34.28 11.71
C SER C 63 19.04 34.45 12.46
N PRO C 64 20.11 33.78 12.01
CA PRO C 64 21.40 33.90 12.70
C PRO C 64 22.12 35.16 12.23
N TYR C 65 21.66 35.75 11.13
CA TYR C 65 22.27 36.95 10.59
C TYR C 65 21.80 38.13 11.44
N ASN C 66 20.54 38.51 11.31
CA ASN C 66 19.96 39.55 12.17
C ASN C 66 19.28 38.63 13.15
N ASN C 67 18.88 39.07 14.33
CA ASN C 67 18.26 38.10 15.23
C ASN C 67 16.74 38.06 15.28
N ARG C 68 16.13 38.26 14.13
CA ARG C 68 14.69 38.28 14.01
C ARG C 68 14.10 36.92 13.71
N TRP C 69 12.87 36.77 14.15
CA TRP C 69 12.09 35.56 13.94
C TRP C 69 11.25 35.73 12.67
N TYR C 70 11.38 34.81 11.72
CA TYR C 70 10.62 34.88 10.48
C TYR C 70 9.61 33.74 10.46
N GLN C 71 8.45 33.97 9.86
CA GLN C 71 7.47 32.89 9.76
C GLN C 71 7.75 32.22 8.42
N MET C 72 8.14 30.95 8.47
CA MET C 72 8.45 30.25 7.23
C MET C 72 7.30 29.41 6.77
N GLY C 73 6.48 28.94 7.70
CA GLY C 73 5.35 28.13 7.30
C GLY C 73 4.13 28.21 8.18
N ILE C 74 3.07 27.55 7.71
CA ILE C 74 1.80 27.51 8.42
C ILE C 74 1.48 26.03 8.58
N VAL C 75 1.08 25.60 9.77
CA VAL C 75 0.73 24.21 10.03
C VAL C 75 -0.45 23.84 9.12
N SER C 76 -0.16 23.04 8.10
CA SER C 76 -1.16 22.65 7.13
C SER C 76 -1.74 21.26 7.37
N TRP C 77 -0.97 20.21 7.08
CA TRP C 77 -1.51 18.86 7.23
C TRP C 77 -0.44 17.78 7.44
N GLY C 78 -0.90 16.54 7.49
CA GLY C 78 -0.01 15.39 7.67
C GLY C 78 -0.85 14.12 7.73
N GLU C 79 -0.22 12.98 7.92
CA GLU C 79 -0.95 11.71 7.99
C GLU C 79 -0.77 11.18 9.40
N GLY C 80 -1.64 11.66 10.28
CA GLY C 80 -1.60 11.28 11.69
C GLY C 80 -0.61 12.22 12.35
N CYS C 81 -0.13 11.88 13.54
CA CYS C 81 0.82 12.76 14.18
C CYS C 81 1.98 11.96 14.73
N ASP C 82 3.18 12.24 14.20
CA ASP C 82 4.42 11.62 14.65
C ASP C 82 4.64 10.15 14.30
N ARG C 83 4.12 9.71 13.16
CA ARG C 83 4.34 8.34 12.75
C ARG C 83 5.72 8.28 12.10
N ASP C 84 6.52 7.26 12.40
CA ASP C 84 7.84 7.14 11.77
C ASP C 84 7.68 7.07 10.26
N GLY C 85 8.55 7.75 9.53
CA GLY C 85 8.47 7.73 8.08
C GLY C 85 7.51 8.76 7.53
N LYS C 86 6.79 9.45 8.41
CA LYS C 86 5.85 10.48 7.98
C LYS C 86 6.33 11.87 8.42
N TYR C 87 5.98 12.88 7.63
CA TYR C 87 6.37 14.26 7.88
C TYR C 87 5.21 15.24 7.81
N GLY C 88 5.17 16.18 8.76
CA GLY C 88 4.11 17.18 8.77
C GLY C 88 4.30 18.15 7.64
N PHE C 89 3.21 18.56 7.00
CA PHE C 89 3.31 19.50 5.90
C PHE C 89 2.89 20.90 6.32
N TYR C 90 3.48 21.88 5.66
CA TYR C 90 3.29 23.28 6.00
C TYR C 90 3.21 24.11 4.76
N THR C 91 2.33 25.11 4.76
CA THR C 91 2.20 26.00 3.61
C THR C 91 3.53 26.76 3.48
N HIS C 92 3.90 27.04 2.24
CA HIS C 92 5.17 27.74 1.95
C HIS C 92 4.96 29.26 1.89
N VAL C 93 5.07 29.93 3.04
CA VAL C 93 4.86 31.40 3.15
C VAL C 93 5.68 32.25 2.19
N PHE C 94 6.96 31.97 2.03
CA PHE C 94 7.73 32.76 1.09
C PHE C 94 7.20 32.64 -0.34
N ARG C 95 6.75 31.45 -0.72
CA ARG C 95 6.23 31.25 -2.05
C ARG C 95 4.86 31.88 -2.29
N LEU C 96 4.06 32.03 -1.24
CA LEU C 96 2.72 32.63 -1.38
C LEU C 96 2.75 34.11 -1.01
N LYS C 97 3.93 34.57 -0.57
CA LYS C 97 4.17 35.95 -0.16
C LYS C 97 3.68 37.04 -1.10
N LYS C 98 3.84 36.83 -2.41
CA LYS C 98 3.39 37.83 -3.39
C LYS C 98 1.88 38.09 -3.29
N TRP C 99 1.12 37.04 -2.98
CA TRP C 99 -0.33 37.11 -2.83
C TRP C 99 -0.65 37.85 -1.55
N ILE C 100 0.13 37.58 -0.50
CA ILE C 100 -0.03 38.24 0.79
C ILE C 100 0.13 39.75 0.59
N GLN C 101 1.11 40.13 -0.24
CA GLN C 101 1.42 41.53 -0.56
C GLN C 101 0.25 42.19 -1.28
N LYS C 102 -0.24 41.51 -2.31
CA LYS C 102 -1.35 42.02 -3.07
C LYS C 102 -2.56 42.32 -2.21
N VAL C 103 -3.00 41.38 -1.37
CA VAL C 103 -4.18 41.66 -0.55
C VAL C 103 -3.99 42.70 0.58
N ILE C 104 -2.84 42.69 1.24
CA ILE C 104 -2.57 43.67 2.29
C ILE C 104 -2.39 45.05 1.66
N ASP C 105 -1.69 45.10 0.52
CA ASP C 105 -1.48 46.38 -0.16
C ASP C 105 -2.61 46.65 -1.15
N ARG C 106 -3.84 46.54 -0.64
CA ARG C 106 -5.09 46.75 -1.38
C ARG C 106 -5.13 46.21 -2.79
N LEU C 107 -5.28 44.90 -2.87
CA LEU C 107 -5.35 44.17 -4.13
C LEU C 107 -4.33 44.61 -5.18
N GLY C 108 -3.10 44.86 -4.73
CA GLY C 108 -2.04 45.26 -5.64
C GLY C 108 -0.67 45.15 -4.99
N SER C 109 0.05 44.07 -5.29
CA SER C 109 1.41 43.79 -4.79
C SER C 109 1.83 42.32 -4.98
C ACE D 1 -7.36 12.32 -5.31
O ACE D 1 -7.29 11.21 -4.80
CH3 ACE D 1 -6.66 12.62 -6.63
N ASP D 2 -8.04 13.34 -4.78
CA ASP D 2 -8.76 13.24 -3.51
C ASP D 2 -7.87 13.05 -2.28
N PHE D 3 -7.58 14.17 -1.64
CA PHE D 3 -6.76 14.25 -0.44
C PHE D 3 -7.18 13.20 0.57
N LEU D 4 -8.46 13.23 0.93
CA LEU D 4 -9.04 12.29 1.89
C LEU D 4 -8.82 10.81 1.56
N ALA D 5 -8.96 10.47 0.28
CA ALA D 5 -8.77 9.09 -0.17
C ALA D 5 -7.38 8.56 0.15
N GLU D 6 -6.35 9.41 0.02
CA GLU D 6 -4.99 8.96 0.30
C GLU D 6 -4.53 9.06 1.74
N GLY D 7 -5.47 9.32 2.67
CA GLY D 7 -5.14 9.40 4.08
C GLY D 7 -4.71 10.76 4.60
N GLY D 8 -4.63 11.73 3.69
CA GLY D 8 -4.24 13.07 4.07
C GLY D 8 -5.16 13.59 5.16
N GLY D 9 -4.59 14.31 6.11
CA GLY D 9 -5.38 14.82 7.21
C GLY D 9 -5.11 16.25 7.57
N VAL D 10 -6.13 17.07 7.35
CA VAL D 10 -6.12 18.49 7.66
C VAL D 10 -5.86 18.48 9.18
N OPR D 11 -5.22 19.51 9.73
CA OPR D 11 -4.93 19.51 11.17
CB OPR D 11 -3.44 19.68 11.41
CG OPR D 11 -2.67 18.44 11.20
CD OPR D 11 -1.22 18.59 11.56
NE OPR D 11 -0.58 17.28 11.45
CZ OPR D 11 0.72 17.10 11.25
NH1 OPR D 11 1.53 18.14 11.14
NH2 OPR D 11 1.21 15.88 11.18
C3 OPR D 11 -5.70 20.45 12.05
O1 OPR D 11 -5.18 20.88 13.09
C2 OPR D 11 -7.08 20.90 11.62
C1 OPR D 11 -7.85 21.56 12.74
C OPR D 11 -8.30 20.56 13.78
O OPR D 11 -7.99 19.38 13.66
N PRO D 12 -9.03 20.99 14.83
CA PRO D 12 -9.50 20.06 15.85
C PRO D 12 -10.59 19.13 15.30
N ARG D 13 -10.57 17.89 15.72
CA ARG D 13 -11.58 16.92 15.30
C ARG D 13 -12.68 16.83 16.35
N THR E 14 29.56 -20.63 16.19
CA THR E 14 30.33 -20.13 15.05
C THR E 14 30.45 -21.22 13.99
N PHE E 15 29.48 -22.12 13.98
CA PHE E 15 29.41 -23.21 13.00
C PHE E 15 27.90 -23.29 12.69
N GLY E 16 27.53 -23.84 11.53
CA GLY E 16 26.13 -23.93 11.13
C GLY E 16 25.75 -25.25 10.48
N ALA E 17 24.99 -26.06 11.22
CA ALA E 17 24.54 -27.38 10.80
C ALA E 17 24.15 -28.14 12.06
N GLY E 18 24.88 -27.89 13.14
CA GLY E 18 24.62 -28.55 14.41
C GLY E 18 25.83 -28.51 15.34
N GLU E 19 25.85 -27.55 16.27
CA GLU E 19 26.93 -27.37 17.23
C GLU E 19 26.85 -28.36 18.37
N ALA E 20 26.25 -29.52 18.12
CA ALA E 20 26.07 -30.54 19.13
C ALA E 20 25.19 -29.94 20.23
N ASP E 21 24.79 -28.68 20.05
CA ASP E 21 24.00 -28.02 21.05
C ASP E 21 23.13 -26.90 20.56
N CYS E 22 23.43 -26.34 19.41
CA CYS E 22 22.60 -25.27 18.89
C CYS E 22 21.19 -25.82 18.66
N GLY E 23 20.18 -24.98 18.87
CA GLY E 23 18.82 -25.41 18.62
C GLY E 23 18.12 -26.24 19.67
N LEU E 24 18.84 -26.80 20.63
CA LEU E 24 18.19 -27.58 21.67
C LEU E 24 17.98 -26.65 22.87
N ARG E 25 16.73 -26.30 23.12
CA ARG E 25 16.35 -25.40 24.20
C ARG E 25 16.36 -26.04 25.56
N PRO E 26 17.02 -25.38 26.53
CA PRO E 26 17.13 -25.83 27.93
C PRO E 26 15.79 -26.13 28.58
N LEU E 27 14.85 -25.18 28.50
CA LEU E 27 13.54 -25.36 29.08
C LEU E 27 12.58 -26.30 28.32
N PHE E 28 12.98 -26.76 27.15
CA PHE E 28 12.12 -27.64 26.37
C PHE E 28 12.76 -28.95 25.92
N GLU E 29 13.51 -28.94 24.82
CA GLU E 29 14.12 -30.16 24.27
C GLU E 29 14.98 -30.90 25.22
N LYS E 30 15.91 -30.19 25.84
CA LYS E 30 16.79 -30.83 26.78
C LYS E 30 16.06 -31.28 28.03
N LYS E 31 14.82 -30.82 28.17
CA LYS E 31 13.97 -31.13 29.31
C LYS E 31 12.89 -32.12 28.92
N GLN E 32 12.85 -32.46 27.64
CA GLN E 32 11.87 -33.39 27.05
C GLN E 32 10.46 -32.82 27.07
N VAL E 33 10.37 -31.50 27.09
CA VAL E 33 9.10 -30.78 27.09
C VAL E 33 8.83 -30.10 25.73
N GLN E 34 7.57 -30.17 25.31
CA GLN E 34 7.08 -29.59 24.06
C GLN E 34 6.46 -28.23 24.32
N ASP E 35 6.64 -27.28 23.41
CA ASP E 35 6.03 -25.98 23.61
C ASP E 35 4.56 -26.05 23.14
N GLN E 36 3.81 -24.99 23.39
CA GLN E 36 2.40 -24.94 23.09
C GLN E 36 1.89 -24.84 21.67
N THR E 37 2.77 -24.64 20.67
CA THR E 37 2.31 -24.54 19.28
C THR E 37 3.20 -25.41 18.37
N GLU E 38 4.20 -26.02 18.98
CA GLU E 38 5.20 -26.88 18.34
C GLU E 38 4.63 -27.95 17.41
N LYS E 39 3.54 -28.60 17.83
CA LYS E 39 2.97 -29.63 16.99
C LYS E 39 2.30 -29.06 15.75
N GLU E 40 2.02 -27.76 15.76
CA GLU E 40 1.43 -27.14 14.59
C GLU E 40 2.45 -27.23 13.46
N LEU E 41 3.72 -27.25 13.83
CA LEU E 41 4.79 -27.35 12.86
C LEU E 41 5.01 -28.76 12.36
N PHE E 42 4.94 -29.74 13.24
CA PHE E 42 5.15 -31.09 12.81
C PHE E 42 4.04 -31.63 11.94
N GLU E 43 2.82 -31.20 12.21
CA GLU E 43 1.70 -31.64 11.37
C GLU E 43 1.89 -31.17 9.95
N SER E 44 2.47 -29.98 9.76
CA SER E 44 2.70 -29.45 8.41
C SER E 44 3.81 -30.25 7.69
N TYR E 45 4.76 -30.82 8.44
CA TYR E 45 5.83 -31.61 7.83
C TYR E 45 5.28 -32.99 7.34
N ILE E 46 4.41 -33.62 8.13
CA ILE E 46 3.82 -34.92 7.75
C ILE E 46 2.73 -34.80 6.71
N GLU E 47 1.94 -33.73 6.78
CA GLU E 47 0.87 -33.51 5.83
C GLU E 47 1.45 -33.08 4.50
N GLY E 48 2.68 -32.58 4.55
CA GLY E 48 3.35 -32.15 3.34
C GLY E 48 3.97 -33.32 2.64
N ARG E 49 3.85 -34.49 3.26
CA ARG E 49 4.37 -35.76 2.77
C ARG E 49 5.89 -35.80 2.97
N ILE F 1 4.13 -8.74 15.90
CA ILE F 1 3.54 -10.00 15.40
C ILE F 1 2.01 -9.86 15.47
N VAL F 2 1.37 -10.10 14.32
CA VAL F 2 -0.07 -10.02 14.14
C VAL F 2 -0.76 -11.42 14.19
N GLU F 3 -1.80 -11.52 15.01
CA GLU F 3 -2.56 -12.74 15.17
C GLU F 3 -1.68 -13.75 15.83
N GLY F 4 -0.73 -13.26 16.63
CA GLY F 4 0.18 -14.13 17.34
C GLY F 4 -0.31 -14.32 18.77
N GLN F 5 0.52 -14.91 19.61
CA GLN F 5 0.16 -15.12 20.99
C GLN F 5 1.38 -15.00 21.86
N ASP F 6 1.15 -14.90 23.16
CA ASP F 6 2.24 -14.75 24.10
C ASP F 6 3.14 -15.95 24.08
N ALA F 7 4.44 -15.71 23.96
CA ALA F 7 5.42 -16.79 23.96
C ALA F 7 5.67 -17.27 25.38
N GLU F 8 5.91 -18.56 25.53
CA GLU F 8 6.23 -19.12 26.84
C GLU F 8 7.64 -18.61 27.15
N VAL F 9 8.06 -18.62 28.43
CA VAL F 9 9.40 -18.14 28.74
C VAL F 9 10.43 -19.18 28.31
N GLY F 10 11.52 -18.72 27.72
CA GLY F 10 12.56 -19.62 27.25
C GLY F 10 12.19 -20.34 25.96
N LEU F 11 11.10 -19.91 25.34
CA LEU F 11 10.62 -20.49 24.10
C LEU F 11 11.57 -20.22 22.94
N SER F 12 12.22 -19.08 22.98
CA SER F 12 13.09 -18.69 21.89
C SER F 12 14.34 -18.08 22.48
N PRO F 13 15.16 -18.92 23.14
CA PRO F 13 16.40 -18.50 23.81
C PRO F 13 17.43 -17.83 22.92
N TRP F 14 17.17 -17.77 21.62
CA TRP F 14 18.14 -17.16 20.70
C TRP F 14 17.71 -15.77 20.26
N GLN F 15 16.51 -15.38 20.72
CA GLN F 15 15.90 -14.10 20.43
C GLN F 15 16.76 -13.01 21.02
N VAL F 16 17.06 -12.01 20.22
CA VAL F 16 17.87 -10.87 20.64
C VAL F 16 17.14 -9.60 20.28
N MET F 17 17.27 -8.59 21.12
CA MET F 17 16.63 -7.31 20.87
C MET F 17 17.67 -6.27 20.54
N LEU F 18 17.62 -5.72 19.32
CA LEU F 18 18.58 -4.68 18.95
C LEU F 18 18.07 -3.45 19.69
N PHE F 19 18.96 -2.79 20.41
CA PHE F 19 18.55 -1.67 21.20
C PHE F 19 19.42 -0.44 21.02
N ARG F 20 18.76 0.70 20.95
CA ARG F 20 19.44 1.99 20.78
C ARG F 20 20.05 2.52 22.08
N LYS F 21 21.34 2.84 22.03
CA LYS F 21 22.03 3.34 23.21
C LYS F 21 21.41 4.66 23.65
N SER F 22 20.95 5.47 22.69
CA SER F 22 20.34 6.77 23.01
C SER F 22 19.56 7.40 21.84
N PRO F 23 18.25 7.59 21.99
CA PRO F 23 17.42 7.26 23.15
C PRO F 23 17.13 5.76 23.28
N GLN F 24 16.39 5.41 24.33
CA GLN F 24 16.05 4.03 24.67
C GLN F 24 15.33 3.12 23.69
N GLU F 25 14.82 3.62 22.58
CA GLU F 25 14.08 2.77 21.64
C GLU F 25 14.59 1.38 21.20
N LEU F 26 13.64 0.44 21.10
CA LEU F 26 13.92 -0.90 20.59
C LEU F 26 14.07 -0.65 19.10
N LEU F 27 15.10 -1.23 18.49
CA LEU F 27 15.32 -1.02 17.06
C LEU F 27 14.98 -2.19 16.15
N CYS F 28 15.14 -3.41 16.61
CA CYS F 28 14.88 -4.55 15.74
C CYS F 28 15.02 -5.83 16.50
N GLY F 29 14.67 -6.93 15.83
CA GLY F 29 14.86 -8.22 16.45
C GLY F 29 16.21 -8.67 15.88
N ALA F 30 16.79 -9.67 16.51
CA ALA F 30 18.04 -10.27 16.05
C ALA F 30 18.02 -11.69 16.57
N SER F 31 19.13 -12.39 16.39
CA SER F 31 19.22 -13.78 16.87
C SER F 31 20.67 -14.17 17.15
N LEU F 32 20.83 -15.05 18.14
CA LEU F 32 22.13 -15.55 18.60
C LEU F 32 22.58 -16.78 17.81
N ILE F 33 23.66 -16.64 17.05
CA ILE F 33 24.19 -17.76 16.33
C ILE F 33 25.38 -18.41 17.05
N SER F 34 25.78 -17.81 18.17
CA SER F 34 26.88 -18.30 19.03
C SER F 34 27.01 -17.31 20.19
N ASP F 35 27.91 -17.59 21.15
CA ASP F 35 28.08 -16.70 22.29
C ASP F 35 28.67 -15.35 21.90
N ARG F 36 29.01 -15.17 20.64
CA ARG F 36 29.66 -13.94 20.22
C ARG F 36 29.09 -13.28 18.97
N TRP F 37 28.23 -13.97 18.24
CA TRP F 37 27.68 -13.39 17.02
C TRP F 37 26.18 -13.38 16.98
N VAL F 38 25.66 -12.28 16.46
CA VAL F 38 24.24 -12.04 16.34
C VAL F 38 23.91 -11.74 14.89
N LEU F 39 22.84 -12.34 14.39
CA LEU F 39 22.42 -12.17 13.01
C LEU F 39 21.19 -11.28 13.01
N THR F 40 21.08 -10.41 12.02
CA THR F 40 19.92 -9.54 11.95
C THR F 40 19.78 -9.05 10.50
N ALA F 41 18.78 -8.20 10.27
CA ALA F 41 18.56 -7.65 8.96
C ALA F 41 19.41 -6.39 8.78
N ALA F 42 20.03 -6.28 7.62
CA ALA F 42 20.89 -5.15 7.28
C ALA F 42 20.17 -3.78 7.37
N HIS F 43 18.88 -3.73 7.06
CA HIS F 43 18.11 -2.49 7.09
C HIS F 43 17.83 -1.99 8.50
N CYS F 44 18.24 -2.77 9.48
CA CYS F 44 18.08 -2.42 10.88
C CYS F 44 19.23 -1.52 11.29
N LEU F 45 20.27 -1.50 10.45
CA LEU F 45 21.48 -0.74 10.68
C LEU F 45 21.73 0.30 9.59
N LEU F 46 21.44 -0.07 8.34
CA LEU F 46 21.69 0.77 7.19
C LEU F 46 20.50 0.84 6.23
N TYR F 47 19.89 2.01 6.15
CA TYR F 47 18.75 2.25 5.26
C TYR F 47 18.77 3.76 4.99
N PRO F 48 19.60 4.20 4.03
CA PRO F 48 19.75 5.61 3.66
C PRO F 48 18.51 6.50 3.62
N PRO F 49 17.45 6.08 2.93
CA PRO F 49 16.24 6.91 2.85
C PRO F 49 15.69 7.43 4.18
N TRP F 50 16.00 6.75 5.28
CA TRP F 50 15.53 7.18 6.60
C TRP F 50 16.66 7.77 7.43
N ASP F 51 17.81 7.98 6.77
CA ASP F 51 19.03 8.50 7.36
C ASP F 51 19.39 7.59 8.53
N LYS F 52 19.55 6.31 8.23
CA LYS F 52 19.84 5.30 9.24
C LYS F 52 21.17 4.70 8.89
N ASN F 53 22.12 4.81 9.77
CA ASN F 53 23.43 4.24 9.51
C ASN F 53 24.05 4.18 10.87
N PHE F 54 23.61 3.18 11.64
CA PHE F 54 24.10 2.99 12.98
C PHE F 54 25.49 2.42 12.96
N THR F 55 26.31 2.91 13.88
CA THR F 55 27.71 2.48 14.03
C THR F 55 27.79 1.70 15.32
N VAL F 56 28.97 1.22 15.64
CA VAL F 56 29.19 0.47 16.86
C VAL F 56 28.82 1.24 18.15
N ASP F 57 29.05 2.55 18.22
CA ASP F 57 28.67 3.25 19.45
C ASP F 57 27.21 3.67 19.54
N ASP F 58 26.37 3.17 18.65
CA ASP F 58 24.97 3.55 18.69
C ASP F 58 24.05 2.54 19.31
N LEU F 59 24.50 1.29 19.38
CA LEU F 59 23.63 0.24 19.88
C LEU F 59 24.18 -0.70 20.90
N LEU F 60 23.26 -1.31 21.61
CA LEU F 60 23.63 -2.36 22.54
C LEU F 60 22.64 -3.48 22.22
N VAL F 61 22.93 -4.68 22.69
CA VAL F 61 22.07 -5.80 22.39
C VAL F 61 21.55 -6.35 23.72
N ARG F 62 20.28 -6.68 23.78
CA ARG F 62 19.73 -7.21 25.04
C ARG F 62 19.30 -8.65 24.72
N ILE F 63 19.90 -9.60 25.41
CA ILE F 63 19.65 -11.02 25.19
C ILE F 63 19.03 -11.66 26.42
N GLY F 64 18.12 -12.62 26.19
CA GLY F 64 17.47 -13.33 27.28
C GLY F 64 16.15 -12.77 27.76
N LYS F 65 15.56 -11.85 27.00
CA LYS F 65 14.31 -11.21 27.38
C LYS F 65 13.01 -11.94 27.05
N HIS F 66 11.95 -11.50 27.73
CA HIS F 66 10.60 -12.03 27.54
C HIS F 66 9.72 -10.78 27.44
N SER F 67 9.91 -9.91 28.42
CA SER F 67 9.22 -8.64 28.54
C SER F 67 9.90 -7.63 27.61
N ARG F 68 9.10 -6.83 26.93
CA ARG F 68 9.61 -5.82 25.99
C ARG F 68 10.15 -4.57 26.67
N THR F 69 9.55 -4.23 27.79
CA THR F 69 9.89 -2.98 28.45
C THR F 69 10.79 -2.97 29.65
N ARG F 70 10.70 -3.97 30.50
CA ARG F 70 11.50 -3.95 31.70
C ARG F 70 12.83 -4.68 31.68
N TYR F 71 13.80 -4.11 32.39
CA TYR F 71 15.12 -4.69 32.54
C TYR F 71 14.90 -5.88 33.47
N GLU F 72 14.97 -7.07 32.90
CA GLU F 72 14.77 -8.30 33.64
C GLU F 72 16.11 -8.74 34.18
N ARG F 73 16.44 -8.21 35.34
CA ARG F 73 17.73 -8.45 35.98
C ARG F 73 18.18 -9.85 36.31
N LYS F 74 17.26 -10.79 36.44
CA LYS F 74 17.73 -12.14 36.77
C LYS F 74 17.94 -13.09 35.59
N VAL F 75 17.59 -12.61 34.38
CA VAL F 75 17.72 -13.39 33.16
C VAL F 75 18.47 -12.67 32.03
N GLU F 76 18.20 -11.39 31.88
CA GLU F 76 18.78 -10.53 30.84
C GLU F 76 20.30 -10.25 30.86
N LYS F 77 20.90 -10.20 29.66
CA LYS F 77 22.32 -9.88 29.45
C LYS F 77 22.32 -8.76 28.43
N ILE F 78 23.31 -7.89 28.51
CA ILE F 78 23.45 -6.77 27.60
C ILE F 78 24.91 -6.81 27.18
N SER F 79 25.18 -6.32 25.99
CA SER F 79 26.54 -6.29 25.48
C SER F 79 26.63 -5.24 24.40
N MET F 80 27.80 -4.64 24.26
CA MET F 80 27.99 -3.66 23.22
C MET F 80 28.51 -4.44 22.03
N LEU F 81 28.57 -3.79 20.89
CA LEU F 81 29.02 -4.42 19.69
C LEU F 81 30.48 -4.13 19.45
N ASP F 82 31.16 -5.10 18.87
CA ASP F 82 32.56 -4.94 18.55
C ASP F 82 32.65 -4.60 17.05
N LYS F 83 31.97 -5.40 16.21
CA LYS F 83 32.04 -5.19 14.77
C LYS F 83 30.68 -5.31 14.11
N ILE F 84 30.50 -4.64 12.98
CA ILE F 84 29.26 -4.71 12.22
C ILE F 84 29.66 -5.07 10.82
N TYR F 85 29.01 -6.08 10.28
CA TYR F 85 29.27 -6.56 8.94
C TYR F 85 27.95 -6.61 8.20
N ILE F 86 27.84 -5.81 7.16
CA ILE F 86 26.66 -5.74 6.34
C ILE F 86 27.07 -6.37 5.03
N HIS F 87 26.17 -7.10 4.40
CA HIS F 87 26.51 -7.76 3.15
C HIS F 87 26.89 -6.73 2.12
N PRO F 88 28.07 -6.86 1.52
CA PRO F 88 28.51 -5.90 0.50
C PRO F 88 27.54 -5.67 -0.64
N ARG F 89 26.67 -6.64 -0.91
CA ARG F 89 25.72 -6.49 -2.00
C ARG F 89 24.28 -6.29 -1.58
N TYR F 90 24.08 -5.77 -0.38
CA TYR F 90 22.75 -5.49 0.15
C TYR F 90 22.19 -4.33 -0.70
N ASN F 91 21.03 -4.55 -1.29
CA ASN F 91 20.38 -3.58 -2.16
C ASN F 91 19.23 -2.92 -1.41
N TRP F 92 19.45 -1.75 -0.86
CA TRP F 92 18.39 -1.04 -0.14
C TRP F 92 17.47 -0.23 -1.04
N LYS F 93 17.93 0.11 -2.25
CA LYS F 93 17.15 0.92 -3.18
C LYS F 93 16.09 0.17 -3.96
N GLU F 94 16.41 -1.04 -4.39
CA GLU F 94 15.49 -1.81 -5.20
C GLU F 94 14.53 -2.77 -4.51
N ASN F 95 15.08 -3.75 -3.80
CA ASN F 95 14.28 -4.80 -3.19
C ASN F 95 14.76 -5.36 -1.84
N LEU F 96 15.64 -4.64 -1.16
CA LEU F 96 16.23 -5.10 0.11
C LEU F 96 16.88 -6.47 -0.09
N ASP F 97 17.44 -6.69 -1.27
CA ASP F 97 18.09 -7.93 -1.59
C ASP F 97 19.37 -8.08 -0.75
N ARG F 98 19.54 -9.25 -0.13
CA ARG F 98 20.70 -9.52 0.71
C ARG F 98 20.70 -8.62 1.93
N ASP F 99 19.53 -8.58 2.54
CA ASP F 99 19.23 -7.82 3.73
C ASP F 99 19.71 -8.67 4.88
N ILE F 100 21.00 -8.65 5.15
CA ILE F 100 21.58 -9.47 6.21
C ILE F 100 22.81 -8.80 6.81
N ALA F 101 23.00 -8.98 8.11
CA ALA F 101 24.14 -8.41 8.80
C ALA F 101 24.51 -9.25 10.02
N LEU F 102 25.79 -9.20 10.36
CA LEU F 102 26.36 -9.92 11.48
C LEU F 102 26.96 -8.92 12.46
N LEU F 103 26.73 -9.17 13.75
CA LEU F 103 27.26 -8.33 14.81
C LEU F 103 28.13 -9.18 15.70
N LYS F 104 29.42 -8.90 15.72
CA LYS F 104 30.32 -9.62 16.59
C LYS F 104 30.24 -8.79 17.87
N LEU F 105 29.84 -9.43 18.98
CA LEU F 105 29.67 -8.81 20.29
C LEU F 105 30.99 -8.41 20.93
N LYS F 106 30.96 -7.41 21.82
CA LYS F 106 32.17 -6.93 22.49
C LYS F 106 32.72 -7.94 23.45
N ARG F 107 31.83 -8.70 24.06
CA ARG F 107 32.23 -9.72 25.01
C ARG F 107 31.39 -10.96 24.78
N PRO F 108 31.92 -12.14 25.13
CA PRO F 108 31.11 -13.35 24.92
C PRO F 108 29.97 -13.34 25.92
N ILE F 109 28.85 -13.92 25.54
CA ILE F 109 27.67 -13.98 26.41
C ILE F 109 27.65 -15.36 27.10
N GLU F 110 27.22 -15.39 28.36
CA GLU F 110 27.17 -16.66 29.08
C GLU F 110 25.81 -17.24 28.83
N LEU F 111 25.82 -18.43 28.22
CA LEU F 111 24.58 -19.10 27.90
C LEU F 111 23.91 -19.55 29.17
N SER F 112 22.61 -19.72 29.10
CA SER F 112 21.82 -20.13 30.24
C SER F 112 20.56 -20.81 29.72
N ASP F 113 19.52 -20.83 30.56
CA ASP F 113 18.27 -21.45 30.18
C ASP F 113 17.52 -20.59 29.23
N TYR F 114 17.75 -19.29 29.36
CA TYR F 114 17.10 -18.28 28.58
C TYR F 114 17.94 -17.74 27.44
N ILE F 115 19.20 -18.17 27.35
CA ILE F 115 20.08 -17.72 26.31
C ILE F 115 20.78 -18.92 25.72
N HIS F 116 20.47 -19.24 24.47
CA HIS F 116 21.06 -20.38 23.80
C HIS F 116 21.07 -20.12 22.31
N PRO F 117 22.12 -20.57 21.60
CA PRO F 117 22.14 -20.32 20.16
C PRO F 117 21.30 -21.27 19.28
N VAL F 118 20.86 -20.72 18.15
CA VAL F 118 20.04 -21.42 17.17
C VAL F 118 21.01 -21.90 16.13
N CYS F 119 20.70 -23.00 15.45
CA CYS F 119 21.59 -23.51 14.42
C CYS F 119 21.36 -22.81 13.11
N LEU F 120 22.38 -22.86 12.26
CA LEU F 120 22.28 -22.32 10.92
C LEU F 120 22.11 -23.60 10.10
N PRO F 121 21.20 -23.58 9.13
CA PRO F 121 20.91 -24.74 8.29
C PRO F 121 22.05 -25.25 7.42
N ASP F 122 22.13 -26.58 7.28
CA ASP F 122 23.13 -27.19 6.39
C ASP F 122 22.41 -27.51 5.07
N LYS F 123 23.13 -28.01 4.07
CA LYS F 123 22.52 -28.32 2.79
C LYS F 123 21.41 -29.35 2.86
N GLN F 124 21.56 -30.30 3.77
CA GLN F 124 20.56 -31.35 3.90
C GLN F 124 19.30 -30.89 4.62
N THR F 125 19.45 -29.93 5.54
CA THR F 125 18.34 -29.40 6.30
C THR F 125 17.43 -28.55 5.44
N ALA F 126 18.04 -27.68 4.63
CA ALA F 126 17.30 -26.81 3.74
C ALA F 126 16.55 -27.64 2.70
N ALA F 127 17.23 -28.66 2.17
CA ALA F 127 16.65 -29.58 1.17
C ALA F 127 15.42 -30.25 1.75
N LYS F 128 15.52 -30.68 3.00
CA LYS F 128 14.43 -31.35 3.72
C LYS F 128 13.26 -30.43 4.12
N LEU F 129 13.61 -29.35 4.80
CA LEU F 129 12.65 -28.39 5.33
C LEU F 129 12.00 -27.32 4.46
N LEU F 130 12.73 -26.73 3.52
CA LEU F 130 12.18 -25.65 2.70
C LEU F 130 11.16 -25.99 1.60
N HIS F 131 9.93 -26.29 2.02
CA HIS F 131 8.87 -26.64 1.08
C HIS F 131 7.59 -25.90 1.38
N ALA F 132 6.94 -25.40 0.34
CA ALA F 132 5.72 -24.65 0.51
C ALA F 132 4.81 -25.55 1.25
N GLY F 133 4.09 -24.98 2.21
CA GLY F 133 3.18 -25.76 3.00
C GLY F 133 3.78 -26.01 4.37
N PHE F 134 5.10 -26.19 4.43
CA PHE F 134 5.78 -26.41 5.69
C PHE F 134 5.75 -25.12 6.48
N LYS F 135 5.60 -25.25 7.79
CA LYS F 135 5.50 -24.08 8.63
C LYS F 135 6.74 -23.75 9.42
N GLY F 136 6.93 -22.44 9.60
CA GLY F 136 8.05 -21.94 10.36
C GLY F 136 7.46 -21.08 11.44
N ARG F 137 8.30 -20.56 12.31
CA ARG F 137 7.84 -19.75 13.42
C ARG F 137 8.51 -18.39 13.45
N VAL F 138 7.74 -17.35 13.74
CA VAL F 138 8.31 -16.00 13.81
C VAL F 138 7.96 -15.45 15.18
N THR F 139 8.94 -14.87 15.86
CA THR F 139 8.73 -14.29 17.19
C THR F 139 9.25 -12.86 17.10
N GLY F 140 8.70 -11.95 17.91
CA GLY F 140 9.15 -10.57 17.89
C GLY F 140 8.33 -9.73 18.85
N TRP F 141 8.71 -8.46 19.03
CA TRP F 141 7.98 -7.54 19.92
C TRP F 141 7.35 -6.40 19.14
N GLY F 142 7.39 -6.51 17.82
CA GLY F 142 6.83 -5.50 16.93
C GLY F 142 5.33 -5.42 17.01
N ASN F 143 4.75 -4.43 16.32
CA ASN F 143 3.30 -4.19 16.31
C ASN F 143 2.36 -5.36 16.17
N ARG F 144 1.31 -5.32 16.98
CA ARG F 144 0.25 -6.31 17.04
C ARG F 144 -0.73 -6.11 15.91
N ARG F 145 -0.51 -5.03 15.15
CA ARG F 145 -1.34 -4.72 14.00
C ARG F 145 -0.77 -3.54 13.23
N GLU F 146 -1.14 -3.49 11.96
CA GLU F 146 -0.66 -2.50 11.04
C GLU F 146 -0.84 -1.07 11.48
N THR F 147 -2.10 -0.68 11.62
CA THR F 147 -2.39 0.67 12.00
C THR F 147 -1.59 1.16 13.21
N TRP F 148 -1.06 2.35 12.96
CA TRP F 148 -0.19 3.17 13.79
C TRP F 148 -0.31 3.34 15.32
N THR F 149 0.41 4.35 15.80
CA THR F 149 0.49 4.74 17.21
C THR F 149 -0.89 5.09 17.79
N THR F 150 -0.89 5.76 18.94
CA THR F 150 -2.08 6.20 19.69
C THR F 150 -3.39 6.47 18.95
N SER F 151 -3.34 6.66 17.62
CA SER F 151 -4.56 6.86 16.83
C SER F 151 -5.38 5.61 17.11
N VAL F 152 -4.66 4.50 17.16
CA VAL F 152 -5.20 3.19 17.48
C VAL F 152 -4.43 2.79 18.75
N ALA F 153 -4.37 3.75 19.69
CA ALA F 153 -3.69 3.61 20.98
C ALA F 153 -2.40 2.86 20.79
N GLU F 154 -2.10 1.92 21.69
CA GLU F 154 -0.89 1.15 21.49
C GLU F 154 -1.10 -0.32 21.20
N VAL F 155 -0.48 -0.70 20.10
CA VAL F 155 -0.51 -2.05 19.56
C VAL F 155 0.80 -2.80 19.80
N GLN F 156 1.54 -2.43 20.84
CA GLN F 156 2.82 -3.06 21.16
C GLN F 156 2.66 -4.04 22.30
N PRO F 157 3.00 -5.31 22.06
CA PRO F 157 2.88 -6.35 23.09
C PRO F 157 3.83 -6.07 24.26
N SER F 158 3.46 -6.58 25.42
CA SER F 158 4.26 -6.38 26.62
C SER F 158 5.22 -7.53 26.78
N VAL F 159 4.90 -8.63 26.11
CA VAL F 159 5.71 -9.83 26.16
C VAL F 159 5.96 -10.36 24.72
N LEU F 160 7.02 -11.18 24.56
CA LEU F 160 7.40 -11.77 23.26
C LEU F 160 6.25 -12.57 22.65
N GLN F 161 5.98 -12.33 21.37
CA GLN F 161 4.90 -12.99 20.60
C GLN F 161 5.43 -14.07 19.67
N VAL F 162 4.56 -15.04 19.41
CA VAL F 162 4.83 -16.19 18.55
C VAL F 162 3.71 -16.28 17.52
N VAL F 163 4.04 -16.68 16.29
CA VAL F 163 3.09 -16.90 15.20
C VAL F 163 3.81 -17.86 14.26
N ASN F 164 3.16 -18.98 13.95
CA ASN F 164 3.73 -19.98 13.03
C ASN F 164 3.05 -19.75 11.69
N LEU F 165 3.83 -19.76 10.62
CA LEU F 165 3.21 -19.56 9.32
C LEU F 165 3.87 -20.36 8.23
N PRO F 166 3.06 -20.79 7.26
CA PRO F 166 3.48 -21.60 6.13
C PRO F 166 4.31 -20.94 5.07
N LEU F 167 5.31 -21.69 4.59
CA LEU F 167 6.16 -21.23 3.51
C LEU F 167 5.21 -21.23 2.32
N VAL F 168 5.29 -20.19 1.50
CA VAL F 168 4.43 -20.06 0.33
C VAL F 168 5.28 -20.35 -0.88
N GLU F 169 4.65 -20.81 -1.97
CA GLU F 169 5.39 -21.12 -3.18
C GLU F 169 5.85 -19.87 -3.91
N ARG F 170 7.03 -19.93 -4.49
CA ARG F 170 7.60 -18.79 -5.18
C ARG F 170 6.80 -18.08 -6.25
N PRO F 171 6.07 -18.84 -7.11
CA PRO F 171 5.29 -18.17 -8.15
C PRO F 171 4.25 -17.25 -7.52
N VAL F 172 3.62 -17.74 -6.46
CA VAL F 172 2.61 -16.93 -5.80
C VAL F 172 3.20 -15.79 -4.97
N CYS F 173 4.45 -15.92 -4.53
CA CYS F 173 5.11 -14.82 -3.81
C CYS F 173 5.48 -13.78 -4.87
N LYS F 174 6.11 -14.28 -5.93
CA LYS F 174 6.57 -13.46 -7.02
C LYS F 174 5.43 -12.58 -7.51
N ALA F 175 4.23 -13.16 -7.62
CA ALA F 175 3.04 -12.45 -8.09
C ALA F 175 2.30 -11.56 -7.10
N SER F 176 2.60 -11.70 -5.81
CA SER F 176 1.92 -10.88 -4.83
C SER F 176 2.41 -9.42 -4.80
N THR F 177 3.49 -9.11 -5.50
CA THR F 177 4.05 -7.76 -5.45
C THR F 177 4.70 -7.27 -6.74
N ARG F 178 4.74 -5.93 -6.88
CA ARG F 178 5.37 -5.27 -8.02
C ARG F 178 6.87 -5.35 -7.87
N ILE F 179 7.32 -5.49 -6.65
CA ILE F 179 8.73 -5.55 -6.35
C ILE F 179 9.43 -6.80 -6.87
N ARG F 180 10.60 -6.56 -7.46
CA ARG F 180 11.45 -7.60 -8.01
C ARG F 180 12.03 -8.44 -6.88
N ILE F 181 11.50 -9.64 -6.73
CA ILE F 181 11.94 -10.57 -5.70
C ILE F 181 13.19 -11.28 -6.24
N THR F 182 14.02 -11.83 -5.36
CA THR F 182 15.19 -12.55 -5.84
C THR F 182 15.27 -13.88 -5.12
N ASP F 183 16.24 -14.70 -5.51
CA ASP F 183 16.40 -15.98 -4.87
C ASP F 183 16.86 -15.86 -3.42
N ASN F 184 17.19 -14.65 -2.99
CA ASN F 184 17.68 -14.50 -1.63
C ASN F 184 16.66 -14.22 -0.61
N MET F 185 15.42 -14.12 -1.05
CA MET F 185 14.31 -13.88 -0.15
C MET F 185 13.28 -14.97 -0.41
N PHE F 186 12.44 -15.27 0.58
CA PHE F 186 11.37 -16.23 0.43
C PHE F 186 10.16 -15.62 1.15
N CYS F 187 8.95 -16.11 0.91
CA CYS F 187 7.82 -15.51 1.62
C CYS F 187 7.02 -16.53 2.38
N ALA F 188 6.33 -16.06 3.40
CA ALA F 188 5.54 -16.92 4.28
C ALA F 188 4.26 -16.23 4.66
N GLY F 189 3.24 -17.02 4.99
CA GLY F 189 1.95 -16.47 5.41
C GLY F 189 0.80 -17.27 4.84
N TYR F 190 -0.40 -17.02 5.34
CA TYR F 190 -1.59 -17.70 4.87
C TYR F 190 -2.14 -17.08 3.62
N LYS F 191 -2.79 -17.87 2.76
CA LYS F 191 -3.36 -17.35 1.51
C LYS F 191 -4.80 -16.90 1.75
N PRO F 192 -5.30 -15.96 0.94
CA PRO F 192 -6.66 -15.42 1.08
C PRO F 192 -7.78 -16.40 1.42
N GLY F 193 -7.74 -17.62 0.90
CA GLY F 193 -8.80 -18.54 1.23
C GLY F 193 -8.50 -19.47 2.39
N GLU F 194 -7.23 -19.52 2.81
CA GLU F 194 -6.79 -20.43 3.87
C GLU F 194 -7.55 -20.58 5.18
N GLY F 195 -8.02 -19.48 5.76
CA GLY F 195 -8.79 -19.60 6.99
C GLY F 195 -8.06 -19.23 8.27
N LYS F 196 -6.76 -19.03 8.19
CA LYS F 196 -5.96 -18.64 9.35
C LYS F 196 -5.29 -17.35 8.97
N ARG F 197 -4.83 -16.61 9.97
CA ARG F 197 -4.13 -15.33 9.73
C ARG F 197 -2.84 -15.29 10.54
N GLY F 198 -1.98 -14.34 10.22
CA GLY F 198 -0.71 -14.18 10.93
C GLY F 198 0.39 -13.47 10.13
N ASP F 199 1.22 -12.69 10.82
CA ASP F 199 2.29 -11.99 10.13
C ASP F 199 3.23 -11.31 11.10
N ALA F 200 4.40 -10.95 10.59
CA ALA F 200 5.38 -10.20 11.34
C ALA F 200 4.90 -8.76 11.03
N CYS F 201 5.35 -7.77 11.79
CA CYS F 201 4.91 -6.40 11.54
C CYS F 201 6.00 -5.49 12.07
N GLU F 202 5.83 -4.17 11.92
CA GLU F 202 6.87 -3.22 12.32
C GLU F 202 7.36 -3.48 13.71
N GLY F 203 8.68 -3.52 13.84
CA GLY F 203 9.33 -3.81 15.10
C GLY F 203 9.87 -5.24 15.15
N ASP F 204 9.36 -6.10 14.25
CA ASP F 204 9.76 -7.52 14.15
C ASP F 204 10.98 -7.77 13.28
N SER F 205 11.31 -6.81 12.41
CA SER F 205 12.46 -6.91 11.53
C SER F 205 13.73 -7.46 12.16
N GLY F 206 14.50 -8.19 11.39
CA GLY F 206 15.74 -8.75 11.90
C GLY F 206 15.51 -10.00 12.73
N GLY F 207 14.28 -10.25 13.15
CA GLY F 207 13.99 -11.43 13.92
C GLY F 207 14.09 -12.73 13.14
N PRO F 208 14.13 -13.86 13.83
CA PRO F 208 14.24 -15.16 13.18
C PRO F 208 12.97 -15.82 12.67
N PHE F 209 13.11 -16.56 11.58
CA PHE F 209 12.03 -17.38 11.03
C PHE F 209 12.75 -18.72 11.22
N VAL F 210 12.25 -19.54 12.14
CA VAL F 210 12.89 -20.82 12.42
C VAL F 210 12.02 -22.02 12.14
N MET F 211 12.66 -23.17 11.96
CA MET F 211 11.92 -24.42 11.72
C MET F 211 12.61 -25.48 12.59
N LYS F 212 11.84 -26.42 13.12
CA LYS F 212 12.35 -27.50 13.97
C LYS F 212 12.44 -28.79 13.13
N SER F 213 13.66 -29.33 12.99
CA SER F 213 13.89 -30.53 12.19
C SER F 213 13.29 -31.80 12.77
N PRO F 214 12.57 -32.59 11.96
CA PRO F 214 11.95 -33.85 12.42
C PRO F 214 13.02 -34.93 12.61
N TYR F 215 14.15 -34.75 11.93
CA TYR F 215 15.31 -35.64 12.01
C TYR F 215 16.03 -35.50 13.35
N ASN F 216 16.68 -34.35 13.56
CA ASN F 216 17.36 -34.05 14.83
C ASN F 216 16.45 -32.94 15.35
N ASN F 217 15.86 -33.14 16.52
CA ASN F 217 14.90 -32.19 17.13
C ASN F 217 15.42 -30.77 17.44
N ARG F 218 16.16 -30.19 16.49
CA ARG F 218 16.79 -28.89 16.62
C ARG F 218 16.07 -27.84 15.82
N TRP F 219 16.28 -26.58 16.23
CA TRP F 219 15.71 -25.43 15.56
C TRP F 219 16.75 -24.74 14.71
N TYR F 220 16.42 -24.59 13.43
CA TYR F 220 17.31 -23.97 12.47
C TYR F 220 16.73 -22.64 12.03
N GLN F 221 17.59 -21.67 11.77
CA GLN F 221 17.08 -20.38 11.33
C GLN F 221 17.06 -20.37 9.83
N MET F 222 15.88 -20.38 9.25
CA MET F 222 15.76 -20.36 7.79
C MET F 222 15.69 -18.95 7.19
N GLY F 223 15.16 -17.99 7.94
CA GLY F 223 15.04 -16.65 7.40
C GLY F 223 15.16 -15.59 8.46
N ILE F 224 15.23 -14.35 8.01
CA ILE F 224 15.34 -13.15 8.85
C ILE F 224 14.15 -12.26 8.44
N VAL F 225 13.35 -11.78 9.39
CA VAL F 225 12.23 -10.90 9.03
C VAL F 225 12.82 -9.71 8.31
N SER F 226 12.34 -9.46 7.10
CA SER F 226 12.83 -8.39 6.25
C SER F 226 11.80 -7.31 5.91
N TRP F 227 10.91 -7.59 4.97
CA TRP F 227 9.96 -6.60 4.60
C TRP F 227 8.55 -7.09 4.28
N GLY F 228 7.67 -6.14 4.03
CA GLY F 228 6.31 -6.49 3.68
C GLY F 228 5.65 -5.26 3.14
N GLU F 229 4.34 -5.35 2.92
CA GLU F 229 3.48 -4.28 2.43
C GLU F 229 2.28 -4.35 3.35
N GLY F 230 2.39 -3.64 4.45
CA GLY F 230 1.34 -3.66 5.45
C GLY F 230 1.70 -4.84 6.34
N CYS F 231 0.74 -5.27 7.13
CA CYS F 231 0.90 -6.37 8.04
C CYS F 231 -0.36 -7.19 7.96
N ASP F 232 -0.21 -8.45 7.56
CA ASP F 232 -1.32 -9.40 7.47
C ASP F 232 -2.45 -8.95 6.55
N ARG F 233 -2.10 -8.39 5.39
CA ARG F 233 -3.14 -7.98 4.43
C ARG F 233 -3.43 -9.16 3.52
N ASP F 234 -4.65 -9.24 3.00
CA ASP F 234 -4.99 -10.37 2.15
C ASP F 234 -4.27 -10.24 0.83
N GLY F 235 -3.67 -11.35 0.38
CA GLY F 235 -2.94 -11.33 -0.89
C GLY F 235 -1.52 -10.79 -0.81
N LYS F 236 -1.06 -10.44 0.39
CA LYS F 236 0.27 -9.93 0.60
C LYS F 236 0.96 -10.92 1.50
N TYR F 237 2.27 -11.13 1.36
CA TYR F 237 3.00 -12.08 2.19
C TYR F 237 4.26 -11.42 2.80
N GLY F 238 4.69 -11.85 3.97
CA GLY F 238 5.88 -11.23 4.50
C GLY F 238 7.09 -11.79 3.79
N PHE F 239 8.15 -11.00 3.65
CA PHE F 239 9.36 -11.48 3.00
C PHE F 239 10.50 -11.64 3.98
N TYR F 240 11.28 -12.70 3.77
CA TYR F 240 12.35 -13.05 4.67
C TYR F 240 13.65 -13.29 3.93
N THR F 241 14.77 -12.91 4.55
CA THR F 241 16.08 -13.17 3.94
C THR F 241 16.30 -14.66 4.04
N HIS F 242 16.72 -15.25 2.94
CA HIS F 242 16.94 -16.69 2.83
C HIS F 242 18.31 -17.03 3.45
N VAL F 243 18.36 -17.33 4.74
CA VAL F 243 19.64 -17.60 5.39
C VAL F 243 20.56 -18.62 4.73
N PHE F 244 20.01 -19.78 4.35
CA PHE F 244 20.83 -20.81 3.70
C PHE F 244 21.53 -20.38 2.40
N ARG F 245 20.91 -19.52 1.61
CA ARG F 245 21.55 -19.08 0.38
C ARG F 245 22.69 -18.10 0.61
N LEU F 246 22.68 -17.48 1.79
CA LEU F 246 23.72 -16.51 2.15
C LEU F 246 24.69 -17.08 3.19
N LYS F 247 24.55 -18.39 3.46
CA LYS F 247 25.34 -19.13 4.45
C LYS F 247 26.84 -19.06 4.21
N LYS F 248 27.24 -18.92 2.95
CA LYS F 248 28.64 -18.87 2.60
C LYS F 248 29.24 -17.52 2.95
N TRP F 249 28.42 -16.48 2.96
CA TRP F 249 28.94 -15.17 3.30
C TRP F 249 29.13 -15.13 4.82
N ILE F 250 28.20 -15.77 5.54
CA ILE F 250 28.23 -15.83 7.00
C ILE F 250 29.52 -16.49 7.49
N GLN F 251 29.85 -17.64 6.91
CA GLN F 251 31.05 -18.35 7.29
C GLN F 251 32.29 -17.60 6.83
N LYS F 252 32.22 -16.96 5.68
CA LYS F 252 33.35 -16.18 5.21
C LYS F 252 33.73 -15.09 6.23
N VAL F 253 32.74 -14.41 6.81
CA VAL F 253 33.08 -13.37 7.79
C VAL F 253 33.44 -13.97 9.14
N ILE F 254 32.85 -15.10 9.48
CA ILE F 254 33.14 -15.74 10.78
C ILE F 254 34.51 -16.42 10.85
N ASP F 255 34.97 -16.97 9.72
CA ASP F 255 36.29 -17.59 9.67
C ASP F 255 37.33 -16.54 9.31
N ARG F 256 36.87 -15.33 9.02
CA ARG F 256 37.73 -14.20 8.67
C ARG F 256 38.38 -14.49 7.32
N LEU F 257 37.56 -15.11 6.46
CA LEU F 257 37.84 -15.58 5.10
C LEU F 257 37.80 -17.07 5.27
N GLY F 258 36.65 -17.64 4.99
CA GLY F 258 36.44 -19.07 5.12
C GLY F 258 35.57 -19.51 3.98
N SER F 259 35.79 -18.87 2.84
CA SER F 259 35.12 -19.10 1.57
C SER F 259 35.79 -18.19 0.55
C ACE G 1 13.70 0.62 -8.16
O ACE G 1 14.73 1.23 -7.83
CH3 ACE G 1 13.67 -0.22 -9.42
N ASP G 2 12.58 0.64 -7.43
CA ASP G 2 12.49 1.41 -6.20
C ASP G 2 11.49 0.85 -5.19
N PHE G 3 12.03 0.21 -4.17
CA PHE G 3 11.28 -0.41 -3.07
C PHE G 3 10.14 0.46 -2.54
N LEU G 4 10.49 1.67 -2.10
CA LEU G 4 9.55 2.63 -1.55
C LEU G 4 8.47 3.09 -2.54
N ALA G 5 8.82 3.17 -3.82
CA ALA G 5 7.89 3.60 -4.87
C ALA G 5 6.83 2.56 -5.17
N GLU G 6 7.26 1.30 -5.22
CA GLU G 6 6.37 0.19 -5.49
C GLU G 6 5.57 -0.24 -4.26
N GLY G 7 5.77 0.48 -3.15
CA GLY G 7 5.04 0.22 -1.92
C GLY G 7 5.66 -0.73 -0.91
N GLY G 8 6.85 -1.23 -1.16
CA GLY G 8 7.48 -2.13 -0.22
C GLY G 8 7.75 -1.44 1.10
N GLY G 9 7.79 -2.19 2.19
CA GLY G 9 8.05 -1.59 3.48
C GLY G 9 8.89 -2.45 4.40
N VAL G 10 10.01 -1.89 4.88
CA VAL G 10 10.88 -2.58 5.81
C VAL G 10 10.09 -2.68 7.08
N OPR G 11 10.42 -3.65 7.91
CA OPR G 11 9.67 -3.80 9.15
CB OPR G 11 9.12 -5.23 9.21
CG OPR G 11 8.17 -5.49 8.06
CD OPR G 11 7.66 -6.91 7.98
NE OPR G 11 6.33 -6.92 7.37
CZ OPR G 11 5.59 -8.01 7.16
NH1 OPR G 11 6.04 -9.20 7.51
NH2 OPR G 11 4.36 -7.88 6.67
C3 OPR G 11 10.53 -3.43 10.34
O1 OPR G 11 10.42 -4.00 11.44
C2 OPR G 11 11.63 -2.40 10.05
C1 OPR G 11 12.05 -1.67 11.27
C OPR G 11 10.90 -0.98 11.94
O OPR G 11 10.04 -0.42 11.22
N PRO G 12 10.95 -0.82 13.26
CA PRO G 12 10.01 -0.20 14.22
C PRO G 12 9.46 1.14 13.75
N THR H 14 -15.57 -34.72 -30.58
CA THR H 14 -15.37 -33.57 -31.51
C THR H 14 -14.04 -32.90 -31.15
N PHE H 15 -13.55 -32.03 -32.04
CA PHE H 15 -12.32 -31.27 -31.83
C PHE H 15 -12.66 -29.98 -32.55
N GLY H 16 -11.63 -29.33 -33.09
CA GLY H 16 -11.87 -28.13 -33.87
C GLY H 16 -12.45 -28.65 -35.18
N ALA H 17 -12.31 -29.95 -35.39
CA ALA H 17 -12.80 -30.65 -36.58
C ALA H 17 -14.32 -30.57 -36.74
N GLY H 18 -15.03 -30.18 -35.68
CA GLY H 18 -16.47 -30.07 -35.75
C GLY H 18 -16.89 -29.19 -36.91
N GLU H 19 -16.31 -27.98 -36.96
CA GLU H 19 -16.60 -27.04 -38.04
C GLU H 19 -15.38 -26.97 -38.95
N ALA H 20 -15.33 -27.86 -39.94
CA ALA H 20 -14.22 -27.98 -40.88
C ALA H 20 -13.41 -26.74 -41.31
N ASP H 21 -14.03 -25.57 -41.39
CA ASP H 21 -13.28 -24.38 -41.82
C ASP H 21 -13.28 -23.30 -40.74
N CYS H 22 -13.45 -23.72 -39.49
CA CYS H 22 -13.52 -22.83 -38.34
C CYS H 22 -12.20 -22.17 -37.98
N GLY H 23 -12.29 -20.95 -37.47
CA GLY H 23 -11.11 -20.22 -37.04
C GLY H 23 -10.25 -19.58 -38.10
N LEU H 24 -10.61 -19.75 -39.37
CA LEU H 24 -9.85 -19.17 -40.47
C LEU H 24 -10.59 -17.93 -40.92
N ARG H 25 -10.16 -16.78 -40.41
CA ARG H 25 -10.79 -15.51 -40.71
C ARG H 25 -10.72 -15.05 -42.17
N PRO H 26 -11.91 -14.86 -42.79
CA PRO H 26 -12.06 -14.44 -44.17
C PRO H 26 -11.18 -13.27 -44.60
N LEU H 27 -11.08 -12.24 -43.75
CA LEU H 27 -10.29 -11.07 -44.07
C LEU H 27 -8.82 -11.08 -43.62
N PHE H 28 -8.41 -12.15 -42.94
CA PHE H 28 -7.06 -12.26 -42.42
C PHE H 28 -6.37 -13.55 -42.84
N GLU H 29 -6.64 -14.65 -42.14
CA GLU H 29 -6.04 -15.94 -42.45
C GLU H 29 -6.24 -16.29 -43.92
N LYS H 30 -7.45 -16.07 -44.40
CA LYS H 30 -7.79 -16.36 -45.79
C LYS H 30 -7.00 -15.49 -46.78
N LYS H 31 -6.77 -14.24 -46.42
CA LYS H 31 -6.05 -13.35 -47.31
C LYS H 31 -4.59 -13.14 -46.93
N GLN H 32 -4.01 -14.09 -46.19
CA GLN H 32 -2.63 -13.99 -45.75
C GLN H 32 -2.32 -12.64 -45.07
N VAL H 33 -3.30 -12.11 -44.34
CA VAL H 33 -3.14 -10.84 -43.62
C VAL H 33 -3.02 -11.09 -42.10
N GLN H 34 -2.19 -10.29 -41.46
CA GLN H 34 -1.96 -10.40 -40.03
C GLN H 34 -2.63 -9.22 -39.35
N ASP H 35 -3.25 -9.44 -38.20
CA ASP H 35 -3.86 -8.32 -37.52
C ASP H 35 -2.83 -7.58 -36.69
N GLN H 36 -3.06 -6.29 -36.48
CA GLN H 36 -2.16 -5.42 -35.71
C GLN H 36 -1.46 -6.00 -34.48
N THR H 37 -2.10 -6.92 -33.78
CA THR H 37 -1.53 -7.48 -32.55
C THR H 37 -1.38 -9.01 -32.49
N GLU H 38 -1.58 -9.67 -33.61
CA GLU H 38 -1.47 -11.12 -33.71
C GLU H 38 -0.05 -11.59 -33.38
N LYS H 39 0.93 -10.72 -33.61
CA LYS H 39 2.34 -11.02 -33.37
C LYS H 39 2.64 -11.28 -31.90
N GLU H 40 1.95 -10.55 -31.04
CA GLU H 40 2.08 -10.66 -29.60
C GLU H 40 1.73 -12.09 -29.14
N LEU H 41 0.68 -12.64 -29.72
CA LEU H 41 0.27 -13.98 -29.34
C LEU H 41 1.33 -14.98 -29.77
N PHE H 42 2.02 -14.68 -30.86
CA PHE H 42 3.06 -15.59 -31.35
C PHE H 42 4.29 -15.51 -30.46
N GLU H 43 4.63 -14.28 -30.06
CA GLU H 43 5.77 -14.05 -29.18
C GLU H 43 5.65 -14.89 -27.89
N SER H 44 4.51 -14.80 -27.21
CA SER H 44 4.31 -15.53 -25.97
C SER H 44 4.58 -17.03 -26.06
N TYR H 45 4.53 -17.58 -27.28
CA TYR H 45 4.78 -18.99 -27.49
C TYR H 45 6.29 -19.33 -27.49
N ILE H 46 7.10 -18.39 -27.97
CA ILE H 46 8.54 -18.58 -28.06
C ILE H 46 9.40 -17.93 -26.95
N GLU H 47 8.84 -16.99 -26.18
CA GLU H 47 9.60 -16.37 -25.10
C GLU H 47 9.99 -17.46 -24.11
N GLY H 48 11.30 -17.65 -23.98
CA GLY H 48 11.92 -18.67 -23.14
C GLY H 48 11.48 -19.18 -21.76
N ARG H 49 11.64 -18.33 -20.75
CA ARG H 49 11.33 -18.71 -19.37
C ARG H 49 10.46 -17.66 -18.67
N ILE I 1 -13.94 -3.81 -21.94
CA ILE I 1 -12.54 -4.30 -21.95
C ILE I 1 -11.68 -3.11 -21.51
N VAL I 2 -10.94 -3.30 -20.42
CA VAL I 2 -10.05 -2.28 -19.86
C VAL I 2 -8.68 -2.39 -20.51
N GLU I 3 -8.10 -1.25 -20.83
CA GLU I 3 -6.77 -1.17 -21.47
C GLU I 3 -6.64 -1.88 -22.81
N GLY I 4 -7.76 -1.97 -23.55
CA GLY I 4 -7.72 -2.60 -24.84
C GLY I 4 -7.57 -1.57 -25.95
N GLN I 5 -7.89 -1.96 -27.17
CA GLN I 5 -7.80 -1.04 -28.30
C GLN I 5 -8.93 -1.32 -29.27
N ASP I 6 -9.18 -0.37 -30.16
CA ASP I 6 -10.26 -0.52 -31.15
C ASP I 6 -9.89 -1.67 -32.06
N ALA I 7 -10.83 -2.59 -32.27
CA ALA I 7 -10.60 -3.75 -33.12
C ALA I 7 -10.66 -3.46 -34.62
N GLU I 8 -10.03 -4.32 -35.41
CA GLU I 8 -10.06 -4.17 -36.86
C GLU I 8 -11.34 -4.84 -37.29
N VAL I 9 -11.98 -4.34 -38.35
CA VAL I 9 -13.23 -4.95 -38.81
C VAL I 9 -12.87 -6.36 -39.27
N GLY I 10 -13.80 -7.30 -39.09
CA GLY I 10 -13.56 -8.67 -39.50
C GLY I 10 -12.53 -9.40 -38.65
N LEU I 11 -12.06 -8.76 -37.58
CA LEU I 11 -11.07 -9.33 -36.68
C LEU I 11 -11.55 -10.55 -35.88
N SER I 12 -12.80 -10.51 -35.42
CA SER I 12 -13.38 -11.59 -34.63
C SER I 12 -14.72 -11.91 -35.28
N PRO I 13 -14.70 -12.51 -36.47
CA PRO I 13 -15.93 -12.85 -37.18
C PRO I 13 -16.93 -13.70 -36.38
N TRP I 14 -16.45 -14.35 -35.32
CA TRP I 14 -17.26 -15.20 -34.45
C TRP I 14 -17.89 -14.44 -33.27
N GLN I 15 -17.69 -13.12 -33.23
CA GLN I 15 -18.24 -12.30 -32.16
C GLN I 15 -19.75 -12.12 -32.32
N VAL I 16 -20.48 -12.36 -31.24
CA VAL I 16 -21.92 -12.23 -31.26
C VAL I 16 -22.34 -11.26 -30.17
N MET I 17 -23.36 -10.48 -30.47
CA MET I 17 -23.92 -9.55 -29.51
C MET I 17 -25.24 -10.16 -29.07
N LEU I 18 -25.49 -10.15 -27.76
CA LEU I 18 -26.73 -10.67 -27.20
C LEU I 18 -27.54 -9.41 -26.99
N PHE I 19 -28.71 -9.35 -27.61
CA PHE I 19 -29.56 -8.17 -27.53
C PHE I 19 -30.94 -8.46 -26.97
N ARG I 20 -31.41 -7.52 -26.17
CA ARG I 20 -32.73 -7.66 -25.58
C ARG I 20 -33.71 -6.98 -26.50
N LYS I 21 -34.78 -7.71 -26.83
CA LYS I 21 -35.82 -7.21 -27.74
C LYS I 21 -36.51 -5.95 -27.20
N SER I 22 -37.11 -6.07 -26.02
CA SER I 22 -37.83 -4.96 -25.38
C SER I 22 -37.70 -5.01 -23.87
N PRO I 23 -37.05 -3.99 -23.29
CA PRO I 23 -36.49 -2.89 -24.06
C PRO I 23 -35.20 -3.34 -24.77
N GLN I 24 -34.76 -2.55 -25.74
CA GLN I 24 -33.55 -2.85 -26.48
C GLN I 24 -32.32 -2.43 -25.71
N GLU I 25 -31.40 -3.37 -25.52
CA GLU I 25 -30.15 -3.08 -24.82
C GLU I 25 -29.19 -4.26 -24.98
N LEU I 26 -27.91 -3.98 -24.76
CA LEU I 26 -26.86 -4.98 -24.85
C LEU I 26 -26.98 -5.79 -23.57
N LEU I 27 -27.02 -7.10 -23.71
CA LEU I 27 -27.16 -7.99 -22.57
C LEU I 27 -25.87 -8.72 -22.24
N CYS I 28 -25.08 -9.01 -23.27
CA CYS I 28 -23.85 -9.76 -23.09
C CYS I 28 -23.19 -9.95 -24.44
N GLY I 29 -22.08 -10.67 -24.42
CA GLY I 29 -21.34 -11.01 -25.62
C GLY I 29 -21.54 -12.52 -25.77
N ALA I 30 -21.17 -13.07 -26.94
CA ALA I 30 -21.31 -14.51 -27.19
C ALA I 30 -20.41 -14.84 -28.38
N SER I 31 -20.42 -16.11 -28.81
CA SER I 31 -19.61 -16.50 -29.97
C SER I 31 -20.26 -17.55 -30.90
N LEU I 32 -19.97 -17.43 -32.19
CA LEU I 32 -20.47 -18.33 -33.22
C LEU I 32 -19.57 -19.55 -33.27
N ILE I 33 -20.09 -20.73 -32.96
CA ILE I 33 -19.27 -21.93 -32.99
C ILE I 33 -19.66 -22.87 -34.12
N SER I 34 -20.64 -22.43 -34.90
CA SER I 34 -21.15 -23.17 -36.04
C SER I 34 -22.14 -22.20 -36.70
N ASP I 35 -22.84 -22.62 -37.74
CA ASP I 35 -23.80 -21.74 -38.39
C ASP I 35 -25.15 -21.73 -37.69
N ARG I 36 -25.29 -22.52 -36.64
CA ARG I 36 -26.57 -22.64 -35.94
C ARG I 36 -26.49 -22.62 -34.41
N TRP I 37 -25.29 -22.67 -33.85
CA TRP I 37 -25.16 -22.63 -32.40
C TRP I 37 -24.29 -21.48 -31.93
N VAL I 38 -24.70 -20.85 -30.85
CA VAL I 38 -23.98 -19.74 -30.26
C VAL I 38 -23.63 -20.12 -28.82
N LEU I 39 -22.41 -19.79 -28.42
CA LEU I 39 -21.91 -20.11 -27.07
C LEU I 39 -21.83 -18.82 -26.22
N THR I 40 -22.25 -18.94 -24.96
CA THR I 40 -22.22 -17.79 -24.06
C THR I 40 -22.14 -18.24 -22.61
N ALA I 41 -22.04 -17.28 -21.69
CA ALA I 41 -21.96 -17.58 -20.26
C ALA I 41 -23.37 -17.77 -19.80
N ALA I 42 -23.59 -18.65 -18.84
CA ALA I 42 -24.92 -18.89 -18.30
C ALA I 42 -25.49 -17.67 -17.57
N HIS I 43 -24.70 -16.99 -16.76
CA HIS I 43 -25.21 -15.82 -16.04
C HIS I 43 -25.72 -14.74 -16.98
N CYS I 44 -25.50 -14.90 -18.28
CA CYS I 44 -26.02 -13.91 -19.24
C CYS I 44 -27.52 -14.09 -19.42
N LEU I 45 -27.95 -15.32 -19.18
CA LEU I 45 -29.33 -15.73 -19.35
C LEU I 45 -30.04 -15.96 -18.02
N LEU I 46 -29.35 -16.61 -17.11
CA LEU I 46 -29.90 -16.95 -15.82
C LEU I 46 -28.97 -16.60 -14.65
N TYR I 47 -29.33 -15.56 -13.92
CA TYR I 47 -28.56 -15.12 -12.77
C TYR I 47 -29.58 -14.51 -11.82
N PRO I 48 -30.11 -15.31 -10.89
CA PRO I 48 -31.12 -14.87 -9.92
C PRO I 48 -30.89 -13.58 -9.16
N PRO I 49 -29.65 -13.27 -8.73
CA PRO I 49 -29.42 -12.02 -7.97
C PRO I 49 -29.79 -10.73 -8.70
N TRP I 50 -29.60 -10.66 -10.00
CA TRP I 50 -30.01 -9.48 -10.75
C TRP I 50 -31.39 -9.74 -11.31
N ASP I 51 -32.05 -10.76 -10.81
CA ASP I 51 -33.37 -11.14 -11.27
C ASP I 51 -33.46 -11.30 -12.77
N LYS I 52 -32.48 -12.00 -13.35
CA LYS I 52 -32.44 -12.26 -14.79
C LYS I 52 -32.86 -13.67 -15.05
N ASN I 53 -33.86 -13.84 -15.91
CA ASN I 53 -34.30 -15.16 -16.32
C ASN I 53 -34.85 -14.97 -17.71
N PHE I 54 -33.97 -14.83 -18.68
CA PHE I 54 -34.40 -14.62 -20.05
C PHE I 54 -34.86 -15.89 -20.74
N THR I 55 -35.86 -15.73 -21.61
CA THR I 55 -36.44 -16.82 -22.38
C THR I 55 -36.15 -16.56 -23.85
N VAL I 56 -36.42 -17.57 -24.67
CA VAL I 56 -36.19 -17.49 -26.10
C VAL I 56 -36.87 -16.31 -26.79
N ASP I 57 -38.00 -15.85 -26.24
CA ASP I 57 -38.74 -14.74 -26.84
C ASP I 57 -38.12 -13.41 -26.48
N ASP I 58 -37.27 -13.42 -25.46
CA ASP I 58 -36.59 -12.24 -24.94
C ASP I 58 -35.34 -11.81 -25.69
N LEU I 59 -34.69 -12.77 -26.33
CA LEU I 59 -33.41 -12.53 -27.00
C LEU I 59 -33.32 -12.41 -28.50
N LEU I 60 -32.37 -11.56 -28.91
CA LEU I 60 -32.02 -11.33 -30.30
C LEU I 60 -30.51 -11.56 -30.35
N VAL I 61 -30.02 -12.10 -31.46
CA VAL I 61 -28.61 -12.36 -31.63
C VAL I 61 -28.15 -11.47 -32.77
N ARG I 62 -27.10 -10.69 -32.56
CA ARG I 62 -26.61 -9.79 -33.61
C ARG I 62 -25.17 -10.14 -34.01
N ILE I 63 -25.03 -10.78 -35.16
CA ILE I 63 -23.74 -11.24 -35.66
C ILE I 63 -23.15 -10.36 -36.75
N GLY I 64 -21.83 -10.37 -36.89
CA GLY I 64 -21.19 -9.57 -37.91
C GLY I 64 -21.04 -8.09 -37.59
N LYS I 65 -21.24 -7.75 -36.32
CA LYS I 65 -21.16 -6.37 -35.85
C LYS I 65 -19.76 -5.83 -35.53
N HIS I 66 -19.68 -4.52 -35.40
CA HIS I 66 -18.43 -3.87 -35.10
C HIS I 66 -18.74 -2.75 -34.13
N SER I 67 -19.57 -1.80 -34.57
CA SER I 67 -19.96 -0.71 -33.70
C SER I 67 -20.91 -1.27 -32.68
N ARG I 68 -20.75 -0.81 -31.45
CA ARG I 68 -21.58 -1.23 -30.35
C ARG I 68 -22.97 -0.61 -30.50
N THR I 69 -22.96 0.67 -30.84
CA THR I 69 -24.15 1.49 -30.92
C THR I 69 -25.04 1.62 -32.17
N ARG I 70 -24.62 1.14 -33.34
CA ARG I 70 -25.50 1.31 -34.51
C ARG I 70 -25.71 0.12 -35.43
N TYR I 71 -26.89 0.11 -36.05
CA TYR I 71 -27.28 -0.95 -36.97
C TYR I 71 -26.38 -0.87 -38.19
N GLU I 72 -25.78 -2.00 -38.51
CA GLU I 72 -24.87 -2.08 -39.62
C GLU I 72 -25.48 -2.94 -40.68
N ARG I 73 -26.44 -2.32 -41.37
CA ARG I 73 -27.22 -2.93 -42.45
C ARG I 73 -26.38 -3.63 -43.49
N LYS I 74 -25.26 -3.00 -43.83
CA LYS I 74 -24.36 -3.55 -44.82
C LYS I 74 -23.70 -4.88 -44.43
N VAL I 75 -23.42 -5.04 -43.13
CA VAL I 75 -22.70 -6.24 -42.67
C VAL I 75 -23.32 -7.15 -41.62
N GLU I 76 -24.08 -6.60 -40.67
CA GLU I 76 -24.65 -7.43 -39.61
C GLU I 76 -25.86 -8.26 -39.95
N LYS I 77 -26.02 -9.34 -39.20
CA LYS I 77 -27.10 -10.26 -39.36
C LYS I 77 -27.76 -10.39 -37.98
N ILE I 78 -29.06 -10.14 -37.89
CA ILE I 78 -29.80 -10.25 -36.65
C ILE I 78 -30.54 -11.58 -36.70
N SER I 79 -30.78 -12.17 -35.55
CA SER I 79 -31.45 -13.46 -35.51
C SER I 79 -32.19 -13.68 -34.19
N MET I 80 -33.07 -14.67 -34.20
CA MET I 80 -33.85 -15.03 -33.03
C MET I 80 -33.45 -16.44 -32.69
N LEU I 81 -33.83 -16.91 -31.52
CA LEU I 81 -33.43 -18.24 -31.09
C LEU I 81 -34.52 -19.29 -31.19
N ASP I 82 -34.11 -20.53 -31.05
CA ASP I 82 -34.99 -21.65 -31.12
C ASP I 82 -35.04 -22.21 -29.70
N LYS I 83 -33.89 -22.61 -29.18
CA LYS I 83 -33.85 -23.16 -27.83
C LYS I 83 -32.67 -22.62 -27.03
N ILE I 84 -32.72 -22.83 -25.72
CA ILE I 84 -31.66 -22.38 -24.81
C ILE I 84 -31.28 -23.55 -23.93
N TYR I 85 -29.99 -23.83 -23.85
CA TYR I 85 -29.51 -24.93 -23.04
C TYR I 85 -28.47 -24.42 -22.05
N ILE I 86 -28.84 -24.35 -20.78
CA ILE I 86 -27.92 -23.91 -19.75
C ILE I 86 -27.44 -25.18 -19.07
N HIS I 87 -26.15 -25.27 -18.76
CA HIS I 87 -25.60 -26.46 -18.12
C HIS I 87 -26.42 -26.82 -16.89
N PRO I 88 -26.75 -28.11 -16.72
CA PRO I 88 -27.54 -28.58 -15.56
C PRO I 88 -26.89 -28.38 -14.18
N ARG I 89 -25.56 -28.40 -14.14
CA ARG I 89 -24.79 -28.25 -12.90
C ARG I 89 -24.23 -26.84 -12.65
N TYR I 90 -24.77 -25.85 -13.33
CA TYR I 90 -24.30 -24.48 -13.19
C TYR I 90 -24.56 -23.89 -11.80
N ASN I 91 -23.53 -23.29 -11.19
CA ASN I 91 -23.68 -22.69 -9.85
C ASN I 91 -23.51 -21.16 -9.84
N TRP I 92 -24.58 -20.42 -9.57
CA TRP I 92 -24.49 -18.96 -9.53
C TRP I 92 -24.31 -18.45 -8.11
N LYS I 93 -24.65 -19.28 -7.13
CA LYS I 93 -24.55 -18.88 -5.73
C LYS I 93 -23.16 -18.94 -5.14
N GLU I 94 -22.53 -20.09 -5.19
CA GLU I 94 -21.22 -20.22 -4.58
C GLU I 94 -20.01 -19.69 -5.34
N ASN I 95 -19.77 -20.15 -6.56
CA ASN I 95 -18.56 -19.73 -7.26
C ASN I 95 -18.60 -19.59 -8.76
N LEU I 96 -19.79 -19.60 -9.35
CA LEU I 96 -19.97 -19.48 -10.80
C LEU I 96 -19.44 -20.67 -11.58
N ASP I 97 -19.46 -21.85 -10.97
CA ASP I 97 -18.99 -23.03 -11.68
C ASP I 97 -19.88 -23.38 -12.88
N ARG I 98 -19.27 -23.97 -13.91
CA ARG I 98 -19.96 -24.37 -15.14
C ARG I 98 -20.87 -23.27 -15.66
N ASP I 99 -20.27 -22.11 -15.80
CA ASP I 99 -20.94 -20.93 -16.29
C ASP I 99 -20.91 -20.96 -17.82
N ILE I 100 -21.79 -21.76 -18.40
CA ILE I 100 -21.85 -21.90 -19.85
C ILE I 100 -23.27 -22.20 -20.32
N ALA I 101 -23.61 -21.70 -21.50
CA ALA I 101 -24.91 -21.92 -22.09
C ALA I 101 -24.77 -22.02 -23.60
N LEU I 102 -25.65 -22.82 -24.20
CA LEU I 102 -25.67 -23.04 -25.63
C LEU I 102 -26.94 -22.46 -26.18
N LEU I 103 -26.80 -21.69 -27.25
CA LEU I 103 -27.91 -21.03 -27.91
C LEU I 103 -28.13 -21.62 -29.31
N LYS I 104 -29.28 -22.25 -29.50
CA LYS I 104 -29.66 -22.85 -30.79
C LYS I 104 -30.41 -21.78 -31.59
N LEU I 105 -29.81 -21.29 -32.68
CA LEU I 105 -30.45 -20.26 -33.49
C LEU I 105 -31.65 -20.84 -34.21
N LYS I 106 -32.60 -19.97 -34.56
CA LYS I 106 -33.83 -20.38 -35.25
C LYS I 106 -33.54 -21.11 -36.56
N ARG I 107 -32.84 -20.44 -37.46
CA ARG I 107 -32.48 -21.04 -38.74
C ARG I 107 -31.02 -20.75 -39.00
N PRO I 108 -30.31 -21.70 -39.65
CA PRO I 108 -28.90 -21.58 -40.00
C PRO I 108 -28.56 -20.20 -40.56
N ILE I 109 -27.53 -19.60 -39.98
CA ILE I 109 -27.06 -18.28 -40.37
C ILE I 109 -26.11 -18.41 -41.56
N GLU I 110 -26.05 -17.37 -42.38
CA GLU I 110 -25.16 -17.40 -43.52
C GLU I 110 -23.83 -16.76 -43.20
N LEU I 111 -22.79 -17.61 -43.20
CA LEU I 111 -21.45 -17.15 -42.90
C LEU I 111 -21.03 -16.25 -44.05
N SER I 112 -20.01 -15.43 -43.82
CA SER I 112 -19.55 -14.51 -44.82
C SER I 112 -18.22 -13.93 -44.35
N ASP I 113 -17.91 -12.72 -44.82
CA ASP I 113 -16.68 -12.04 -44.46
C ASP I 113 -16.55 -11.57 -43.02
N TYR I 114 -17.67 -11.20 -42.44
CA TYR I 114 -17.70 -10.69 -41.07
C TYR I 114 -18.37 -11.66 -40.14
N ILE I 115 -18.77 -12.81 -40.66
CA ILE I 115 -19.46 -13.81 -39.85
C ILE I 115 -18.83 -15.14 -40.16
N HIS I 116 -18.23 -15.78 -39.16
CA HIS I 116 -17.57 -17.05 -39.38
C HIS I 116 -17.32 -17.69 -38.00
N PRO I 117 -17.49 -19.01 -37.90
CA PRO I 117 -17.28 -19.72 -36.63
C PRO I 117 -15.82 -19.87 -36.19
N VAL I 118 -15.62 -19.93 -34.88
CA VAL I 118 -14.31 -20.11 -34.26
C VAL I 118 -14.25 -21.60 -33.98
N CYS I 119 -13.06 -22.12 -33.68
CA CYS I 119 -12.97 -23.55 -33.42
C CYS I 119 -13.04 -23.87 -31.93
N LEU I 120 -13.40 -25.11 -31.63
CA LEU I 120 -13.42 -25.55 -30.25
C LEU I 120 -12.13 -26.38 -30.13
N PRO I 121 -11.49 -26.36 -28.95
CA PRO I 121 -10.24 -27.13 -28.82
C PRO I 121 -10.47 -28.63 -28.64
N ASP I 122 -9.42 -29.41 -28.85
CA ASP I 122 -9.44 -30.87 -28.68
C ASP I 122 -8.31 -31.20 -27.71
N LYS I 123 -8.28 -32.43 -27.21
CA LYS I 123 -7.24 -32.87 -26.27
C LYS I 123 -5.85 -32.33 -26.56
N GLN I 124 -5.41 -32.40 -27.82
CA GLN I 124 -4.08 -31.93 -28.20
C GLN I 124 -3.91 -30.44 -28.16
N THR I 125 -4.82 -29.72 -28.80
CA THR I 125 -4.77 -28.26 -28.82
C THR I 125 -4.81 -27.72 -27.40
N ALA I 126 -5.72 -28.26 -26.60
CA ALA I 126 -5.86 -27.88 -25.20
C ALA I 126 -4.50 -28.09 -24.55
N ALA I 127 -4.09 -29.34 -24.46
CA ALA I 127 -2.81 -29.73 -23.86
C ALA I 127 -1.63 -28.87 -24.31
N LYS I 128 -1.61 -28.53 -25.59
CA LYS I 128 -0.51 -27.76 -26.15
C LYS I 128 -0.57 -26.25 -25.97
N LEU I 129 -1.78 -25.69 -26.01
CA LEU I 129 -1.94 -24.25 -25.88
C LEU I 129 -2.11 -23.74 -24.45
N LEU I 130 -2.82 -24.51 -23.64
CA LEU I 130 -3.06 -24.08 -22.28
C LEU I 130 -1.81 -24.08 -21.40
N HIS I 131 -1.01 -23.01 -21.49
CA HIS I 131 0.21 -22.90 -20.69
C HIS I 131 0.45 -21.50 -20.17
N ALA I 132 0.70 -21.43 -18.87
CA ALA I 132 0.96 -20.18 -18.19
C ALA I 132 1.92 -19.35 -18.99
N GLY I 133 1.61 -18.07 -19.17
CA GLY I 133 2.50 -17.22 -19.93
C GLY I 133 2.04 -17.05 -21.36
N PHE I 134 1.41 -18.08 -21.91
CA PHE I 134 0.88 -18.03 -23.28
C PHE I 134 -0.26 -17.04 -23.27
N LYS I 135 -0.42 -16.31 -24.36
CA LYS I 135 -1.49 -15.34 -24.43
C LYS I 135 -2.68 -15.72 -25.30
N GLY I 136 -3.84 -15.27 -24.87
CA GLY I 136 -5.06 -15.51 -25.61
C GLY I 136 -5.57 -14.10 -25.83
N ARG I 137 -6.69 -13.97 -26.53
CA ARG I 137 -7.24 -12.66 -26.83
C ARG I 137 -8.70 -12.57 -26.40
N VAL I 138 -9.10 -11.39 -25.94
CA VAL I 138 -10.46 -11.15 -25.52
C VAL I 138 -10.93 -9.84 -26.17
N THR I 139 -12.13 -9.89 -26.75
CA THR I 139 -12.79 -8.77 -27.41
C THR I 139 -14.19 -8.61 -26.79
N GLY I 140 -14.75 -7.40 -26.86
CA GLY I 140 -16.08 -7.19 -26.31
C GLY I 140 -16.46 -5.72 -26.28
N TRP I 141 -17.73 -5.45 -26.00
CA TRP I 141 -18.21 -4.07 -25.94
C TRP I 141 -18.41 -3.58 -24.51
N GLY I 142 -17.93 -4.37 -23.54
CA GLY I 142 -18.04 -4.03 -22.14
C GLY I 142 -17.33 -2.74 -21.80
N ASN I 143 -17.45 -2.32 -20.55
CA ASN I 143 -16.83 -1.08 -20.09
C ASN I 143 -15.32 -1.05 -20.19
N ARG I 144 -14.78 0.17 -20.28
CA ARG I 144 -13.35 0.44 -20.38
C ARG I 144 -12.77 0.70 -18.98
N ARG I 145 -13.64 0.67 -17.98
CA ARG I 145 -13.25 0.93 -16.61
C ARG I 145 -14.36 0.39 -15.71
N GLU I 146 -14.07 0.21 -14.43
CA GLU I 146 -15.07 -0.26 -13.47
C GLU I 146 -16.04 0.89 -13.23
N THR I 147 -17.32 0.65 -13.47
CA THR I 147 -18.32 1.69 -13.30
C THR I 147 -18.89 1.72 -11.89
N TRP I 148 -18.02 2.07 -10.95
CA TRP I 148 -18.41 2.15 -9.54
C TRP I 148 -18.02 3.54 -9.04
N THR I 149 -17.95 4.48 -9.98
CA THR I 149 -17.59 5.86 -9.70
C THR I 149 -18.12 6.80 -10.78
N THR I 150 -19.45 6.83 -10.93
CA THR I 150 -20.09 7.70 -11.93
C THR I 150 -19.63 7.28 -13.33
N SER I 151 -20.38 6.37 -13.96
CA SER I 151 -19.97 5.88 -15.27
C SER I 151 -21.05 5.19 -16.11
N VAL I 152 -21.21 5.66 -17.35
CA VAL I 152 -22.18 5.16 -18.33
C VAL I 152 -21.91 5.72 -19.72
N ALA I 153 -20.83 6.50 -19.85
CA ALA I 153 -20.47 7.12 -21.11
C ALA I 153 -18.97 7.34 -21.11
N GLU I 154 -18.37 7.17 -22.30
CA GLU I 154 -16.92 7.27 -22.51
C GLU I 154 -16.27 6.05 -21.86
N VAL I 155 -17.10 5.34 -21.09
CA VAL I 155 -16.75 4.14 -20.39
C VAL I 155 -17.06 3.02 -21.35
N GLN I 156 -18.13 3.19 -22.10
CA GLN I 156 -18.49 2.20 -23.09
C GLN I 156 -17.90 2.66 -24.41
N PRO I 157 -17.27 1.74 -25.15
CA PRO I 157 -16.64 2.06 -26.42
C PRO I 157 -17.65 2.12 -27.56
N SER I 158 -17.26 2.85 -28.61
CA SER I 158 -18.09 2.99 -29.80
C SER I 158 -17.98 1.75 -30.68
N VAL I 159 -16.78 1.17 -30.71
CA VAL I 159 -16.46 0.02 -31.53
C VAL I 159 -15.92 -1.15 -30.67
N LEU I 160 -16.06 -2.39 -31.16
CA LEU I 160 -15.59 -3.58 -30.45
C LEU I 160 -14.12 -3.40 -30.06
N GLN I 161 -13.77 -3.80 -28.83
CA GLN I 161 -12.41 -3.70 -28.28
C GLN I 161 -11.61 -5.00 -28.23
N VAL I 162 -10.29 -4.89 -28.27
CA VAL I 162 -9.39 -6.06 -28.20
C VAL I 162 -8.41 -5.92 -27.06
N VAL I 163 -8.02 -7.06 -26.51
CA VAL I 163 -7.01 -7.13 -25.47
C VAL I 163 -6.41 -8.53 -25.51
N ASN I 164 -5.08 -8.61 -25.42
CA ASN I 164 -4.36 -9.87 -25.45
C ASN I 164 -3.83 -10.04 -24.04
N LEU I 165 -4.19 -11.16 -23.41
CA LEU I 165 -3.81 -11.41 -22.02
C LEU I 165 -3.21 -12.80 -21.83
N PRO I 166 -2.18 -12.90 -20.97
CA PRO I 166 -1.51 -14.17 -20.68
C PRO I 166 -2.29 -15.04 -19.72
N LEU I 167 -2.14 -16.36 -19.87
CA LEU I 167 -2.77 -17.32 -19.00
C LEU I 167 -1.92 -17.30 -17.74
N VAL I 168 -2.57 -17.27 -16.57
CA VAL I 168 -1.88 -17.23 -15.28
C VAL I 168 -1.88 -18.64 -14.67
N GLU I 169 -0.81 -18.99 -13.96
CA GLU I 169 -0.66 -20.29 -13.31
C GLU I 169 -1.81 -20.47 -12.36
N ARG I 170 -2.32 -21.69 -12.30
CA ARG I 170 -3.43 -22.03 -11.43
C ARG I 170 -3.24 -21.69 -9.94
N PRO I 171 -2.05 -21.98 -9.39
CA PRO I 171 -1.84 -21.67 -7.98
C PRO I 171 -1.93 -20.18 -7.75
N VAL I 172 -1.50 -19.40 -8.73
CA VAL I 172 -1.56 -17.96 -8.59
C VAL I 172 -3.01 -17.52 -8.71
N CYS I 173 -3.78 -18.20 -9.56
CA CYS I 173 -5.19 -17.89 -9.71
C CYS I 173 -5.88 -18.15 -8.38
N LYS I 174 -5.64 -19.33 -7.84
CA LYS I 174 -6.19 -19.78 -6.57
C LYS I 174 -5.88 -18.83 -5.40
N ALA I 175 -4.64 -18.40 -5.32
CA ALA I 175 -4.19 -17.50 -4.27
C ALA I 175 -4.67 -16.07 -4.42
N SER I 176 -5.29 -15.73 -5.55
CA SER I 176 -5.75 -14.36 -5.76
C SER I 176 -7.17 -14.05 -5.30
N THR I 177 -7.89 -15.02 -4.75
CA THR I 177 -9.26 -14.79 -4.38
C THR I 177 -9.69 -15.76 -3.29
N ARG I 178 -10.81 -15.46 -2.63
CA ARG I 178 -11.33 -16.34 -1.56
C ARG I 178 -12.40 -17.27 -2.11
N ILE I 179 -12.82 -16.98 -3.33
CA ILE I 179 -13.83 -17.78 -4.00
C ILE I 179 -13.24 -19.16 -4.32
N ARG I 180 -14.01 -20.21 -4.07
CA ARG I 180 -13.55 -21.55 -4.35
C ARG I 180 -13.54 -21.76 -5.86
N ILE I 181 -12.33 -21.83 -6.39
CA ILE I 181 -12.10 -22.03 -7.79
C ILE I 181 -12.26 -23.53 -8.16
N THR I 182 -12.83 -23.82 -9.32
CA THR I 182 -12.99 -25.20 -9.77
C THR I 182 -12.14 -25.34 -11.04
N ASP I 183 -12.02 -26.56 -11.55
CA ASP I 183 -11.26 -26.85 -12.75
C ASP I 183 -11.91 -26.39 -14.03
N ASN I 184 -13.17 -26.00 -13.90
CA ASN I 184 -13.95 -25.58 -15.05
C ASN I 184 -13.77 -24.12 -15.39
N MET I 185 -12.75 -23.51 -14.79
CA MET I 185 -12.42 -22.10 -15.01
C MET I 185 -10.91 -21.89 -14.81
N PHE I 186 -10.36 -20.91 -15.49
CA PHE I 186 -8.95 -20.56 -15.38
C PHE I 186 -8.93 -19.02 -15.32
N CYS I 187 -7.79 -18.41 -14.99
CA CYS I 187 -7.69 -16.95 -14.93
C CYS I 187 -6.56 -16.48 -15.86
N ALA I 188 -6.67 -15.23 -16.30
CA ALA I 188 -5.66 -14.69 -17.20
C ALA I 188 -5.50 -13.21 -16.90
N GLY I 189 -4.31 -12.71 -17.20
CA GLY I 189 -4.03 -11.31 -16.99
C GLY I 189 -2.60 -11.11 -16.56
N TYR I 190 -2.16 -9.86 -16.59
CA TYR I 190 -0.80 -9.50 -16.19
C TYR I 190 -0.67 -9.40 -14.68
N LYS I 191 0.48 -9.78 -14.16
CA LYS I 191 0.75 -9.73 -12.73
C LYS I 191 1.18 -8.33 -12.38
N PRO I 192 1.12 -7.94 -11.08
CA PRO I 192 1.50 -6.60 -10.62
C PRO I 192 2.87 -6.12 -11.09
N GLY I 193 3.84 -7.02 -11.16
CA GLY I 193 5.15 -6.62 -11.64
C GLY I 193 5.21 -6.39 -13.16
N GLU I 194 4.49 -7.23 -13.92
CA GLU I 194 4.48 -7.22 -15.40
C GLU I 194 4.43 -5.96 -16.25
N GLY I 195 3.98 -4.84 -15.72
CA GLY I 195 3.98 -3.62 -16.52
C GLY I 195 3.04 -3.48 -17.71
N LYS I 196 2.12 -4.42 -17.89
CA LYS I 196 1.14 -4.33 -18.96
C LYS I 196 -0.16 -4.50 -18.20
N ARG I 197 -1.26 -3.96 -18.71
CA ARG I 197 -2.52 -4.11 -18.02
C ARG I 197 -3.55 -4.68 -19.00
N GLY I 198 -4.83 -4.54 -18.67
CA GLY I 198 -5.87 -5.07 -19.55
C GLY I 198 -6.70 -6.11 -18.81
N ASP I 199 -8.00 -6.13 -19.09
CA ASP I 199 -8.90 -7.09 -18.46
C ASP I 199 -10.27 -6.92 -19.09
N ALA I 200 -11.10 -7.95 -18.98
CA ALA I 200 -12.48 -7.88 -19.47
C ALA I 200 -13.15 -7.02 -18.42
N CYS I 201 -14.40 -6.65 -18.65
CA CYS I 201 -15.07 -5.83 -17.67
C CYS I 201 -16.56 -5.95 -17.88
N GLU I 202 -17.34 -5.27 -17.06
CA GLU I 202 -18.80 -5.35 -17.14
C GLU I 202 -19.29 -5.09 -18.55
N GLY I 203 -20.11 -6.01 -19.04
CA GLY I 203 -20.63 -5.88 -20.38
C GLY I 203 -19.93 -6.86 -21.28
N ASP I 204 -18.74 -7.31 -20.87
CA ASP I 204 -17.95 -8.26 -21.66
C ASP I 204 -18.29 -9.72 -21.48
N SER I 205 -19.09 -10.03 -20.46
CA SER I 205 -19.52 -11.40 -20.18
C SER I 205 -19.93 -12.12 -21.42
N GLY I 206 -19.68 -13.42 -21.44
CA GLY I 206 -20.08 -14.24 -22.56
C GLY I 206 -19.16 -14.25 -23.75
N GLY I 207 -18.50 -13.12 -24.01
CA GLY I 207 -17.56 -13.00 -25.13
C GLY I 207 -16.50 -14.08 -25.08
N PRO I 208 -15.76 -14.29 -26.18
CA PRO I 208 -14.73 -15.35 -26.20
C PRO I 208 -13.25 -15.04 -25.89
N PHE I 209 -12.58 -15.97 -25.21
CA PHE I 209 -11.13 -15.86 -24.92
C PHE I 209 -10.58 -16.89 -25.91
N VAL I 210 -9.96 -16.41 -26.98
CA VAL I 210 -9.46 -17.30 -28.01
C VAL I 210 -7.95 -17.33 -28.13
N MET I 211 -7.46 -18.35 -28.82
CA MET I 211 -6.02 -18.50 -29.03
C MET I 211 -5.80 -19.00 -30.45
N LYS I 212 -4.70 -18.58 -31.07
CA LYS I 212 -4.39 -19.01 -32.41
C LYS I 212 -3.32 -20.09 -32.43
N SER I 213 -3.73 -21.33 -32.72
CA SER I 213 -2.85 -22.51 -32.76
C SER I 213 -1.65 -22.42 -33.70
N PRO I 214 -0.45 -22.64 -33.16
CA PRO I 214 0.79 -22.62 -33.93
C PRO I 214 1.08 -23.99 -34.54
N TYR I 215 0.07 -24.58 -35.16
CA TYR I 215 0.20 -25.88 -35.78
C TYR I 215 -0.60 -25.82 -37.06
N ASN I 216 -1.78 -25.18 -36.96
CA ASN I 216 -2.72 -24.95 -38.05
C ASN I 216 -3.26 -23.57 -37.69
N ASN I 217 -2.84 -22.54 -38.41
CA ASN I 217 -3.22 -21.13 -38.17
C ASN I 217 -4.67 -20.78 -37.83
N ARG I 218 -5.29 -21.56 -36.95
CA ARG I 218 -6.68 -21.39 -36.59
C ARG I 218 -6.89 -20.78 -35.21
N TRP I 219 -8.09 -20.25 -35.00
CA TRP I 219 -8.45 -19.68 -33.72
C TRP I 219 -9.39 -20.62 -33.01
N TYR I 220 -9.03 -20.93 -31.78
CA TYR I 220 -9.80 -21.80 -30.93
C TYR I 220 -10.29 -20.96 -29.77
N GLN I 221 -11.50 -21.22 -29.32
CA GLN I 221 -12.04 -20.48 -28.19
C GLN I 221 -11.67 -21.32 -26.97
N MET I 222 -10.82 -20.76 -26.12
CA MET I 222 -10.38 -21.45 -24.92
C MET I 222 -11.24 -21.16 -23.70
N GLY I 223 -11.83 -19.96 -23.66
CA GLY I 223 -12.66 -19.61 -22.53
C GLY I 223 -13.81 -18.67 -22.82
N ILE I 224 -14.64 -18.46 -21.81
CA ILE I 224 -15.79 -17.57 -21.90
C ILE I 224 -15.63 -16.56 -20.79
N VAL I 225 -15.66 -15.28 -21.13
CA VAL I 225 -15.57 -14.24 -20.12
C VAL I 225 -16.70 -14.55 -19.13
N SER I 226 -16.30 -14.82 -17.88
CA SER I 226 -17.22 -15.16 -16.82
C SER I 226 -17.33 -14.14 -15.66
N TRP I 227 -16.24 -13.92 -14.92
CA TRP I 227 -16.30 -13.02 -13.77
C TRP I 227 -14.95 -12.57 -13.20
N GLY I 228 -15.01 -11.71 -12.18
CA GLY I 228 -13.82 -11.21 -11.54
C GLY I 228 -14.21 -10.25 -10.45
N GLU I 229 -13.22 -9.72 -9.73
CA GLU I 229 -13.44 -8.77 -8.67
C GLU I 229 -12.97 -7.42 -9.21
N GLY I 230 -13.89 -6.70 -9.82
CA GLY I 230 -13.54 -5.44 -10.43
C GLY I 230 -12.99 -5.72 -11.83
N CYS I 231 -12.24 -4.77 -12.36
CA CYS I 231 -11.62 -4.91 -13.65
C CYS I 231 -10.27 -4.24 -13.55
N ASP I 232 -9.26 -4.92 -14.08
CA ASP I 232 -7.90 -4.42 -14.11
C ASP I 232 -7.37 -3.97 -12.74
N ARG I 233 -7.66 -4.78 -11.72
CA ARG I 233 -7.18 -4.49 -10.38
C ARG I 233 -5.90 -5.24 -10.19
N ASP I 234 -4.94 -4.64 -9.51
CA ASP I 234 -3.65 -5.30 -9.28
C ASP I 234 -3.84 -6.46 -8.32
N GLY I 235 -3.25 -7.60 -8.65
CA GLY I 235 -3.35 -8.73 -7.75
C GLY I 235 -4.58 -9.58 -8.00
N LYS I 236 -5.44 -9.13 -8.91
CA LYS I 236 -6.68 -9.83 -9.26
C LYS I 236 -6.64 -10.20 -10.73
N TYR I 237 -7.32 -11.29 -11.08
CA TYR I 237 -7.35 -11.77 -12.45
C TYR I 237 -8.78 -12.07 -12.90
N GLY I 238 -9.09 -11.87 -14.18
CA GLY I 238 -10.43 -12.18 -14.63
C GLY I 238 -10.56 -13.68 -14.85
N PHE I 239 -11.72 -14.27 -14.53
CA PHE I 239 -11.93 -15.70 -14.72
C PHE I 239 -12.77 -15.99 -15.96
N TYR I 240 -12.46 -17.12 -16.60
CA TYR I 240 -13.10 -17.55 -17.83
C TYR I 240 -13.52 -18.99 -17.72
N THR I 241 -14.66 -19.32 -18.30
CA THR I 241 -15.17 -20.70 -18.30
C THR I 241 -14.24 -21.56 -19.16
N HIS I 242 -13.78 -22.69 -18.63
CA HIS I 242 -12.87 -23.62 -19.31
C HIS I 242 -13.66 -24.39 -20.36
N VAL I 243 -13.77 -23.83 -21.56
CA VAL I 243 -14.52 -24.44 -22.65
C VAL I 243 -14.18 -25.91 -22.93
N PHE I 244 -12.89 -26.25 -22.89
CA PHE I 244 -12.45 -27.63 -23.14
C PHE I 244 -12.93 -28.61 -22.07
N ARG I 245 -12.99 -28.18 -20.82
CA ARG I 245 -13.45 -29.06 -19.76
C ARG I 245 -14.92 -29.32 -19.91
N LEU I 246 -15.61 -28.42 -20.62
CA LEU I 246 -17.04 -28.58 -20.81
C LEU I 246 -17.43 -29.03 -22.22
N LYS I 247 -16.44 -29.31 -23.06
CA LYS I 247 -16.64 -29.74 -24.45
C LYS I 247 -17.53 -30.97 -24.68
N LYS I 248 -17.44 -31.95 -23.79
CA LYS I 248 -18.27 -33.13 -23.91
C LYS I 248 -19.73 -32.84 -23.57
N TRP I 249 -19.98 -31.76 -22.84
CA TRP I 249 -21.35 -31.38 -22.51
C TRP I 249 -21.88 -30.67 -23.75
N ILE I 250 -21.02 -29.85 -24.35
CA ILE I 250 -21.38 -29.12 -25.58
C ILE I 250 -21.72 -30.16 -26.65
N GLN I 251 -20.84 -31.15 -26.85
CA GLN I 251 -21.06 -32.20 -27.83
C GLN I 251 -22.41 -32.86 -27.56
N LYS I 252 -22.63 -33.31 -26.34
CA LYS I 252 -23.88 -33.96 -25.96
C LYS I 252 -25.14 -33.20 -26.32
N VAL I 253 -25.15 -31.87 -26.23
CA VAL I 253 -26.35 -31.13 -26.57
C VAL I 253 -26.46 -30.81 -28.08
N ILE I 254 -25.40 -31.09 -28.83
CA ILE I 254 -25.41 -30.88 -30.28
C ILE I 254 -25.60 -32.25 -30.95
N ASP I 255 -25.29 -33.32 -30.22
CA ASP I 255 -25.41 -34.69 -30.71
C ASP I 255 -26.62 -35.37 -30.07
N ARG I 256 -26.35 -36.36 -29.23
CA ARG I 256 -27.37 -37.15 -28.56
C ARG I 256 -27.14 -37.26 -27.05
N LEU I 257 -25.96 -37.75 -26.66
CA LEU I 257 -25.61 -37.92 -25.25
C LEU I 257 -24.14 -38.37 -25.19
N GLY I 258 -23.25 -37.42 -24.87
CA GLY I 258 -21.84 -37.74 -24.78
C GLY I 258 -21.13 -37.48 -26.11
N SER I 259 -20.91 -38.53 -26.89
CA SER I 259 -20.25 -38.44 -28.18
C SER I 259 -20.37 -39.77 -28.95
C ACE J 1 -20.02 -19.24 -0.20
O ACE J 1 -20.85 -20.01 -0.67
CH3 ACE J 1 -18.87 -19.75 0.63
N ASP J 2 -20.04 -17.93 -0.41
CA ASP J 2 -21.11 -17.27 -1.18
C ASP J 2 -20.38 -16.28 -2.07
N PHE J 3 -20.55 -16.48 -3.36
CA PHE J 3 -19.92 -15.69 -4.36
C PHE J 3 -19.91 -14.19 -4.11
N LEU J 4 -21.10 -13.64 -3.90
CA LEU J 4 -21.31 -12.21 -3.69
C LEU J 4 -20.76 -11.69 -2.35
N ALA J 5 -20.73 -12.58 -1.37
CA ALA J 5 -20.26 -12.29 -0.01
C ALA J 5 -18.74 -12.20 0.01
N GLU J 6 -18.12 -12.85 -0.96
CA GLU J 6 -16.66 -12.90 -1.08
C GLU J 6 -16.10 -11.84 -2.02
N GLY J 7 -17.00 -11.09 -2.65
CA GLY J 7 -16.58 -10.04 -3.56
C GLY J 7 -16.54 -10.36 -5.05
N GLY J 8 -17.02 -11.53 -5.47
CA GLY J 8 -17.00 -11.89 -6.87
C GLY J 8 -18.07 -11.13 -7.62
N GLY J 9 -17.81 -10.77 -8.87
CA GLY J 9 -18.81 -10.04 -9.62
C GLY J 9 -18.89 -10.57 -11.04
N VAL J 10 -20.07 -11.04 -11.43
CA VAL J 10 -20.20 -11.52 -12.80
C VAL J 10 -20.05 -10.28 -13.67
N OPR J 11 -19.68 -10.46 -14.95
CA OPR J 11 -19.44 -9.34 -15.84
CB OPR J 11 -18.06 -9.54 -16.47
CG OPR J 11 -16.97 -9.78 -15.40
CD OPR J 11 -15.58 -9.83 -15.99
NE OPR J 11 -14.63 -9.30 -15.04
CZ OPR J 11 -13.32 -9.34 -15.17
NH1 OPR J 11 -12.78 -9.89 -16.25
NH2 OPR J 11 -12.55 -8.80 -14.23
C3 OPR J 11 -20.51 -9.08 -16.93
O1 OPR J 11 -20.21 -8.58 -18.03
C2 OPR J 11 -21.94 -9.50 -16.59
C1 OPR J 11 -22.96 -8.86 -17.46
C OPR J 11 -23.04 -7.36 -17.27
O OPR J 11 -22.38 -6.82 -16.37
N PRO J 12 -23.85 -6.67 -18.07
N PRO J 12 -23.77 -6.65 -18.11
CA PRO J 12 -23.99 -5.22 -17.91
CA PRO J 12 -23.90 -5.22 -17.98
C PRO J 12 -24.85 -4.91 -16.72
C PRO J 12 -24.91 -5.01 -16.88
N ARG J 13 -24.36 -3.98 -15.93
N ARG J 13 -25.28 -3.79 -16.68
CA ARG J 13 -25.05 -3.55 -14.71
CA ARG J 13 -26.24 -3.43 -15.66
C ARG J 13 -25.93 -2.31 -14.95
C ARG J 13 -27.38 -4.44 -15.36
#